data_4ZQ8
#
_entry.id   4ZQ8
#
_cell.length_a   64.737
_cell.length_b   153.781
_cell.length_c   155.179
_cell.angle_alpha   90.000
_cell.angle_beta   90.000
_cell.angle_gamma   90.000
#
_symmetry.space_group_name_H-M   'C 2 2 21'
#
loop_
_entity.id
_entity.type
_entity.pdbx_description
1 polymer 'Isoprenoid Synthase'
2 water water
#
_entity_poly.entity_id   1
_entity_poly.type   'polypeptide(L)'
_entity_poly.pdbx_seq_one_letter_code
;MHHHHHHSSGVDLGTENLYFQSMSTPPKTTAGFTLPGPPTLTRTPRTRPGGAVPGLRYRPAAPADPEKVEEIDRRLETWA
RELDLFPSEWSGDFAEFQFGRAVVLQHPGAADLERLTAAGKLLLAENIVDNCYCEEDEGRGGAHRGLGGRLIMAQSALDP
YHGTPEHEEEWRRGVQADGPLRSYHVALKDYAALATPSQTDRFVHDIARLHLGYLAEAAWAETRHAPKVWEYLVMRQFNN
FRPCLSIVDAIDGYELPEALYARPEIQRVTALACNATTIVNDLYSFTRELASDPDHLNLPQVVAANDQRGLKAAYLKSVE
IHNQIMEAFETESALLAATSPLIERYLQGLADWVSGNHEWHATNTDRYQLPNYW
;
_entity_poly.pdbx_strand_id   A,B
#
# COMPACT_ATOMS: atom_id res chain seq x y z
N GLY A 50 32.42 14.45 -3.23
CA GLY A 50 33.46 15.23 -2.62
C GLY A 50 33.01 15.41 -1.22
N GLY A 51 33.62 14.60 -0.37
CA GLY A 51 33.21 14.57 1.03
C GLY A 51 32.36 13.33 1.31
N ALA A 52 32.68 12.25 0.60
CA ALA A 52 31.90 11.01 0.69
C ALA A 52 32.36 10.16 1.84
N VAL A 53 31.44 9.33 2.34
CA VAL A 53 31.78 8.34 3.34
C VAL A 53 32.99 7.52 2.88
N PRO A 54 34.07 7.57 3.65
CA PRO A 54 35.23 6.73 3.29
C PRO A 54 34.85 5.26 3.24
N GLY A 55 35.28 4.54 2.21
CA GLY A 55 35.01 3.11 2.08
C GLY A 55 33.63 2.74 1.54
N LEU A 56 32.84 3.75 1.21
CA LEU A 56 31.50 3.48 0.70
C LEU A 56 31.57 3.16 -0.81
N ARG A 57 30.77 2.18 -1.24
CA ARG A 57 30.76 1.78 -2.64
C ARG A 57 29.82 2.66 -3.46
N TYR A 58 30.37 3.42 -4.40
CA TYR A 58 29.50 4.26 -5.21
C TYR A 58 30.11 4.57 -6.57
N ARG A 59 29.25 4.95 -7.49
CA ARG A 59 29.66 5.25 -8.85
C ARG A 59 29.61 6.75 -9.09
N PRO A 60 30.64 7.28 -9.79
CA PRO A 60 30.77 8.70 -10.16
C PRO A 60 29.52 9.26 -10.81
N ALA A 61 29.08 10.43 -10.38
CA ALA A 61 27.98 11.12 -11.03
C ALA A 61 28.48 12.42 -11.64
N ALA A 62 28.24 12.59 -12.94
CA ALA A 62 28.61 13.82 -13.63
C ALA A 62 27.88 14.99 -12.98
N PRO A 63 28.57 16.12 -12.83
CA PRO A 63 27.97 17.26 -12.13
C PRO A 63 26.67 17.71 -12.80
N ALA A 64 25.78 18.31 -12.01
CA ALA A 64 24.51 18.76 -12.52
C ALA A 64 24.68 20.03 -13.37
N ASP A 65 23.95 20.09 -14.47
CA ASP A 65 23.85 21.30 -15.28
C ASP A 65 23.18 22.39 -14.45
N PRO A 66 23.93 23.43 -14.08
CA PRO A 66 23.42 24.51 -13.23
C PRO A 66 22.24 25.24 -13.85
N GLU A 67 22.25 25.34 -15.17
CA GLU A 67 21.17 26.03 -15.85
C GLU A 67 19.86 25.30 -15.66
N LYS A 68 19.89 23.97 -15.74
CA LYS A 68 18.67 23.17 -15.46
C LYS A 68 18.27 23.22 -13.99
N VAL A 69 19.24 23.08 -13.09
CA VAL A 69 18.98 23.09 -11.65
C VAL A 69 18.21 24.35 -11.29
N GLU A 70 18.73 25.45 -11.80
CA GLU A 70 18.19 26.78 -11.58
C GLU A 70 16.80 26.93 -12.16
N GLU A 71 16.60 26.46 -13.39
CA GLU A 71 15.27 26.51 -13.99
C GLU A 71 14.25 25.62 -13.24
N ILE A 72 14.66 24.40 -12.88
CA ILE A 72 13.80 23.47 -12.14
C ILE A 72 13.35 24.07 -10.80
N ASP A 73 14.29 24.68 -10.07
CA ASP A 73 13.95 25.35 -8.81
C ASP A 73 12.94 26.46 -9.01
N ARG A 74 13.17 27.31 -10.00
CA ARG A 74 12.24 28.37 -10.35
C ARG A 74 10.83 27.83 -10.60
N ARG A 75 10.75 26.79 -11.42
CA ARG A 75 9.45 26.18 -11.74
C ARG A 75 8.78 25.58 -10.51
N LEU A 76 9.57 24.95 -9.65
CA LEU A 76 9.01 24.28 -8.48
C LEU A 76 8.45 25.29 -7.50
N GLU A 77 9.15 26.39 -7.31
CA GLU A 77 8.72 27.43 -6.38
C GLU A 77 7.47 28.10 -6.93
N THR A 78 7.49 28.39 -8.23
CA THR A 78 6.33 28.94 -8.91
C THR A 78 5.12 28.00 -8.73
N TRP A 79 5.29 26.72 -9.06
CA TRP A 79 4.26 25.71 -8.82
C TRP A 79 3.77 25.72 -7.38
N ALA A 80 4.71 25.79 -6.45
CA ALA A 80 4.37 25.77 -5.03
C ALA A 80 3.52 26.97 -4.62
N ARG A 81 3.86 28.15 -5.13
CA ARG A 81 3.08 29.34 -4.78
C ARG A 81 1.64 29.27 -5.29
N GLU A 82 1.44 28.78 -6.52
CA GLU A 82 0.08 28.79 -7.09
C GLU A 82 -0.79 27.70 -6.48
N LEU A 83 -0.18 26.72 -5.82
CA LEU A 83 -0.93 25.73 -5.05
C LEU A 83 -0.96 26.15 -3.59
N ASP A 84 -0.25 27.23 -3.29
CA ASP A 84 -0.18 27.79 -1.94
C ASP A 84 0.25 26.76 -0.90
N LEU A 85 1.45 26.21 -1.10
CA LEU A 85 1.98 25.17 -0.25
C LEU A 85 2.94 25.75 0.80
N PHE A 86 3.10 27.06 0.80
CA PHE A 86 4.07 27.70 1.68
C PHE A 86 3.41 28.33 2.90
N GLY A 92 11.91 33.46 1.94
CA GLY A 92 12.78 32.33 2.23
C GLY A 92 13.33 31.71 0.97
N ASP A 93 14.64 31.52 0.92
CA ASP A 93 15.31 30.99 -0.28
C ASP A 93 14.93 29.54 -0.55
N PHE A 94 14.21 29.31 -1.63
CA PHE A 94 13.69 27.98 -1.95
C PHE A 94 14.77 27.06 -2.53
N ALA A 95 15.78 27.65 -3.16
CA ALA A 95 16.88 26.90 -3.75
C ALA A 95 17.75 26.18 -2.71
N GLU A 96 17.62 26.57 -1.43
CA GLU A 96 18.42 25.96 -0.38
C GLU A 96 17.99 24.53 -0.11
N PHE A 97 16.74 24.23 -0.46
CA PHE A 97 16.21 22.88 -0.37
C PHE A 97 16.91 21.94 -1.33
N GLN A 98 17.43 22.51 -2.41
CA GLN A 98 18.14 21.80 -3.47
C GLN A 98 17.32 20.67 -4.09
N PHE A 99 16.01 20.89 -4.26
CA PHE A 99 15.18 19.96 -5.06
C PHE A 99 15.63 19.91 -6.52
N GLY A 100 16.04 21.05 -7.06
CA GLY A 100 16.46 21.14 -8.44
C GLY A 100 17.71 20.31 -8.66
N ARG A 101 18.67 20.48 -7.76
CA ARG A 101 19.90 19.73 -7.87
C ARG A 101 19.65 18.23 -7.71
N ALA A 102 18.76 17.87 -6.78
CA ALA A 102 18.45 16.45 -6.60
C ALA A 102 17.94 15.80 -7.88
N VAL A 103 16.94 16.38 -8.53
CA VAL A 103 16.33 15.69 -9.67
C VAL A 103 17.25 15.70 -10.90
N VAL A 104 18.01 16.77 -11.07
CA VAL A 104 18.95 16.84 -12.18
C VAL A 104 20.00 15.73 -12.00
N LEU A 105 20.53 15.63 -10.78
CA LEU A 105 21.48 14.57 -10.46
C LEU A 105 20.84 13.18 -10.53
N GLN A 106 19.60 13.07 -10.07
CA GLN A 106 18.95 11.76 -9.98
C GLN A 106 18.46 11.25 -11.33
N HIS A 107 18.15 12.17 -12.25
CA HIS A 107 17.63 11.75 -13.57
C HIS A 107 18.45 12.31 -14.73
N PRO A 108 19.71 11.86 -14.87
CA PRO A 108 20.58 12.43 -15.90
C PRO A 108 20.10 12.13 -17.32
N GLY A 109 19.29 11.08 -17.49
CA GLY A 109 18.81 10.72 -18.81
C GLY A 109 17.41 11.26 -19.10
N ALA A 110 16.96 12.21 -18.28
CA ALA A 110 15.62 12.79 -18.43
C ALA A 110 15.36 13.27 -19.85
N ALA A 111 14.20 12.91 -20.40
CA ALA A 111 13.85 13.25 -21.79
C ALA A 111 13.92 14.74 -22.08
N ASP A 112 13.40 15.55 -21.16
CA ASP A 112 13.43 17.00 -21.30
C ASP A 112 13.10 17.70 -19.98
N LEU A 113 13.08 19.04 -20.01
CA LEU A 113 12.85 19.83 -18.81
C LEU A 113 11.45 19.59 -18.25
N GLU A 114 10.48 19.33 -19.13
CA GLU A 114 9.12 19.09 -18.66
C GLU A 114 9.08 17.82 -17.78
N ARG A 115 9.80 16.79 -18.17
CA ARG A 115 9.76 15.56 -17.39
C ARG A 115 10.63 15.65 -16.14
N LEU A 116 11.74 16.36 -16.21
CA LEU A 116 12.52 16.69 -15.01
C LEU A 116 11.66 17.39 -13.99
N THR A 117 10.91 18.37 -14.47
CA THR A 117 10.03 19.17 -13.62
C THR A 117 8.98 18.29 -12.96
N ALA A 118 8.46 17.32 -13.71
CA ALA A 118 7.48 16.43 -13.11
C ALA A 118 8.12 15.62 -12.00
N ALA A 119 9.39 15.23 -12.18
CA ALA A 119 10.05 14.46 -11.12
C ALA A 119 10.24 15.34 -9.89
N GLY A 120 10.52 16.62 -10.12
CA GLY A 120 10.62 17.59 -9.04
C GLY A 120 9.34 17.76 -8.26
N LYS A 121 8.21 17.77 -8.95
CA LYS A 121 6.91 17.98 -8.30
C LYS A 121 6.54 16.81 -7.40
N LEU A 122 6.76 15.60 -7.89
CA LEU A 122 6.56 14.40 -7.09
C LEU A 122 7.43 14.41 -5.85
N LEU A 123 8.72 14.71 -6.03
CA LEU A 123 9.66 14.76 -4.93
C LEU A 123 9.27 15.82 -3.93
N LEU A 124 8.84 16.98 -4.43
CA LEU A 124 8.41 18.09 -3.58
C LEU A 124 7.16 17.68 -2.81
N ALA A 125 6.23 17.03 -3.48
CA ALA A 125 4.99 16.66 -2.82
C ALA A 125 5.26 15.62 -1.75
N GLU A 126 6.16 14.68 -2.04
CA GLU A 126 6.49 13.62 -1.10
C GLU A 126 7.10 14.21 0.17
N ASN A 127 7.97 15.20 0.03
CA ASN A 127 8.57 15.88 1.17
C ASN A 127 7.58 16.69 2.00
N ILE A 128 6.65 17.35 1.31
CA ILE A 128 5.64 18.17 1.99
C ILE A 128 4.78 17.28 2.86
N VAL A 129 4.34 16.14 2.33
CA VAL A 129 3.51 15.21 3.09
C VAL A 129 4.28 14.63 4.30
N ASP A 130 5.51 14.18 4.04
CA ASP A 130 6.41 13.66 5.07
C ASP A 130 6.57 14.66 6.21
N ASN A 131 6.94 15.88 5.84
CA ASN A 131 7.16 16.95 6.81
C ASN A 131 5.90 17.29 7.59
N CYS A 132 4.79 17.48 6.90
CA CYS A 132 3.59 17.98 7.54
C CYS A 132 2.83 16.88 8.28
N TYR A 133 2.92 15.64 7.82
CA TYR A 133 2.16 14.57 8.47
C TYR A 133 2.98 13.65 9.38
N CYS A 134 4.19 13.29 8.99
CA CYS A 134 5.03 12.41 9.82
C CYS A 134 5.88 13.11 10.86
N GLU A 135 6.44 14.26 10.50
CA GLU A 135 7.36 14.98 11.38
C GLU A 135 6.65 15.97 12.30
N GLU A 136 5.44 16.37 11.91
CA GLU A 136 4.66 17.31 12.72
C GLU A 136 3.37 16.68 13.20
N ASP A 137 2.99 16.99 14.43
CA ASP A 137 1.71 16.54 14.96
C ASP A 137 0.56 17.45 14.48
N GLU A 138 -0.65 16.92 14.47
CA GLU A 138 -1.82 17.77 14.23
C GLU A 138 -1.87 18.94 15.23
N GLY A 139 -2.27 20.10 14.74
CA GLY A 139 -2.47 21.26 15.60
C GLY A 139 -3.49 20.96 16.70
N ARG A 140 -3.29 21.59 17.86
CA ARG A 140 -4.19 21.39 19.00
C ARG A 140 -5.56 22.03 18.77
N GLY A 141 -6.61 21.39 19.31
CA GLY A 141 -7.92 22.00 19.40
C GLY A 141 -8.79 21.95 18.16
N GLY A 142 -8.38 21.18 17.17
CA GLY A 142 -9.18 21.05 15.97
C GLY A 142 -9.59 19.62 15.69
N ALA A 143 -9.47 19.22 14.42
CA ALA A 143 -9.70 17.84 14.04
C ALA A 143 -8.49 17.03 14.44
N HIS A 144 -8.74 15.86 14.93
CA HIS A 144 -7.64 14.92 14.98
CA HIS A 144 -7.64 14.85 15.22
C HIS A 144 -7.90 13.38 14.52
N ARG A 145 -7.16 13.22 13.46
CA ARG A 145 -7.34 11.98 12.67
C ARG A 145 -6.20 10.97 12.85
N GLY A 146 -5.06 11.42 13.38
CA GLY A 146 -3.92 10.55 13.58
C GLY A 146 -3.13 10.32 12.29
N LEU A 147 -1.94 9.74 12.40
CA LEU A 147 -1.12 9.48 11.22
C LEU A 147 -1.87 8.62 10.21
N GLY A 148 -2.49 7.54 10.68
CA GLY A 148 -3.32 6.70 9.85
C GLY A 148 -4.38 7.45 9.06
N GLY A 149 -5.12 8.32 9.74
CA GLY A 149 -6.19 9.09 9.14
C GLY A 149 -5.69 10.06 8.09
N ARG A 150 -4.62 10.79 8.39
CA ARG A 150 -4.04 11.72 7.44
C ARG A 150 -3.43 10.98 6.23
N LEU A 151 -2.83 9.82 6.47
CA LEU A 151 -2.20 9.13 5.36
C LEU A 151 -3.26 8.45 4.46
N ILE A 152 -4.38 8.02 5.02
CA ILE A 152 -5.42 7.46 4.16
C ILE A 152 -6.01 8.54 3.25
N MET A 153 -6.07 9.79 3.71
CA MET A 153 -6.50 10.88 2.83
C MET A 153 -5.43 11.14 1.78
N ALA A 154 -4.16 11.10 2.20
CA ALA A 154 -3.04 11.28 1.26
C ALA A 154 -3.05 10.22 0.18
N GLN A 155 -3.44 8.99 0.53
CA GLN A 155 -3.48 7.91 -0.46
C GLN A 155 -4.62 8.16 -1.43
N SER A 156 -5.75 8.62 -0.90
CA SER A 156 -6.92 8.97 -1.71
C SER A 156 -6.60 10.10 -2.69
N ALA A 157 -5.67 10.97 -2.32
CA ALA A 157 -5.25 12.04 -3.22
C ALA A 157 -4.59 11.47 -4.47
N LEU A 158 -3.95 10.31 -4.31
CA LEU A 158 -3.28 9.64 -5.43
C LEU A 158 -4.17 8.61 -6.11
N ASP A 159 -5.07 8.06 -5.33
CA ASP A 159 -5.82 6.88 -5.71
C ASP A 159 -7.28 7.24 -5.46
N PRO A 160 -7.94 7.79 -6.51
CA PRO A 160 -9.20 8.55 -6.43
C PRO A 160 -10.35 7.77 -5.79
N TYR A 161 -11.16 8.48 -5.02
CA TYR A 161 -12.34 7.90 -4.41
C TYR A 161 -13.50 7.80 -5.42
N HIS A 162 -14.23 6.68 -5.39
CA HIS A 162 -15.43 6.54 -6.23
C HIS A 162 -16.63 6.11 -5.38
N GLY A 163 -17.76 6.79 -5.57
CA GLY A 163 -18.94 6.53 -4.77
C GLY A 163 -20.08 7.36 -5.33
N THR A 164 -20.97 7.89 -4.50
CA THR A 164 -22.08 8.69 -5.03
C THR A 164 -21.57 10.07 -5.48
N PRO A 165 -22.29 10.76 -6.38
CA PRO A 165 -21.77 12.08 -6.77
C PRO A 165 -21.65 13.07 -5.62
N GLU A 166 -22.57 13.03 -4.65
CA GLU A 166 -22.49 13.93 -3.49
C GLU A 166 -21.19 13.74 -2.68
N HIS A 167 -20.88 12.50 -2.34
CA HIS A 167 -19.70 12.19 -1.55
C HIS A 167 -18.41 12.40 -2.34
N GLU A 168 -18.44 12.14 -3.64
CA GLU A 168 -17.26 12.38 -4.47
C GLU A 168 -16.89 13.85 -4.49
N GLU A 169 -17.90 14.73 -4.52
CA GLU A 169 -17.64 16.16 -4.47
C GLU A 169 -17.13 16.60 -3.10
N GLU A 170 -17.67 16.05 -2.03
CA GLU A 170 -17.16 16.37 -0.70
C GLU A 170 -15.70 15.95 -0.57
N TRP A 171 -15.39 14.79 -1.12
CA TRP A 171 -14.02 14.30 -1.10
C TRP A 171 -13.09 15.22 -1.89
N ARG A 172 -13.55 15.66 -3.05
CA ARG A 172 -12.78 16.57 -3.89
C ARG A 172 -12.45 17.85 -3.15
N ARG A 173 -13.44 18.39 -2.43
CA ARG A 173 -13.25 19.59 -1.63
C ARG A 173 -12.27 19.29 -0.51
N GLY A 174 -12.37 18.07 0.03
CA GLY A 174 -11.48 17.59 1.07
C GLY A 174 -10.02 17.65 0.65
N VAL A 175 -9.73 17.11 -0.53
CA VAL A 175 -8.37 17.10 -1.06
C VAL A 175 -7.86 18.53 -1.33
N GLN A 176 -8.71 19.37 -1.90
CA GLN A 176 -8.33 20.76 -2.15
C GLN A 176 -8.12 21.54 -0.86
N ALA A 177 -8.62 21.00 0.26
CA ALA A 177 -8.67 21.74 1.51
C ALA A 177 -7.34 21.83 2.27
N ASP A 178 -6.33 21.06 1.90
CA ASP A 178 -5.03 21.39 2.48
C ASP A 178 -3.86 20.99 1.61
N GLY A 179 -2.80 21.79 1.73
CA GLY A 179 -1.64 21.74 0.88
C GLY A 179 -1.04 20.38 0.61
N PRO A 180 -0.74 19.60 1.66
CA PRO A 180 -0.17 18.28 1.45
C PRO A 180 -0.99 17.42 0.48
N LEU A 181 -2.31 17.40 0.63
CA LEU A 181 -3.15 16.61 -0.27
C LEU A 181 -3.14 17.22 -1.69
N ARG A 182 -3.10 18.54 -1.77
CA ARG A 182 -3.08 19.24 -3.06
C ARG A 182 -1.80 18.92 -3.81
N SER A 183 -0.68 18.91 -3.09
CA SER A 183 0.62 18.62 -3.71
C SER A 183 0.65 17.21 -4.32
N TYR A 184 0.23 16.19 -3.57
CA TYR A 184 0.11 14.83 -4.11
C TYR A 184 -0.80 14.81 -5.33
N HIS A 185 -1.99 15.37 -5.16
CA HIS A 185 -2.99 15.32 -6.21
C HIS A 185 -2.50 15.93 -7.52
N VAL A 186 -1.91 17.11 -7.46
CA VAL A 186 -1.50 17.81 -8.67
C VAL A 186 -0.19 17.24 -9.22
N ALA A 187 0.71 16.83 -8.35
CA ALA A 187 1.97 16.23 -8.80
C ALA A 187 1.72 14.95 -9.61
N LEU A 188 0.81 14.12 -9.12
CA LEU A 188 0.46 12.88 -9.81
C LEU A 188 -0.30 13.13 -11.12
N LYS A 189 -1.22 14.07 -11.08
CA LYS A 189 -1.94 14.48 -12.28
C LYS A 189 -0.97 14.97 -13.35
N ASP A 190 0.05 15.72 -12.94
CA ASP A 190 1.03 16.22 -13.90
C ASP A 190 1.90 15.09 -14.42
N TYR A 191 2.19 14.12 -13.56
CA TYR A 191 2.98 12.96 -13.94
C TYR A 191 2.19 11.98 -14.83
N ALA A 192 0.92 11.79 -14.52
CA ALA A 192 0.09 10.88 -15.30
C ALA A 192 -0.08 11.35 -16.74
N ALA A 193 -0.03 12.66 -16.95
CA ALA A 193 -0.13 13.23 -18.31
C ALA A 193 1.09 12.87 -19.17
N LEU A 194 2.16 12.44 -18.53
CA LEU A 194 3.42 12.14 -19.21
C LEU A 194 3.75 10.66 -19.17
N ALA A 195 3.04 9.91 -18.34
CA ALA A 195 3.36 8.49 -18.14
C ALA A 195 2.19 7.61 -18.54
N THR A 196 2.40 6.31 -18.59
CA THR A 196 1.31 5.39 -18.88
C THR A 196 0.54 5.09 -17.61
N PRO A 197 -0.71 4.63 -17.74
CA PRO A 197 -1.48 4.21 -16.56
C PRO A 197 -0.81 3.05 -15.80
N SER A 198 -0.10 2.16 -16.49
CA SER A 198 0.70 1.16 -15.79
C SER A 198 1.76 1.80 -14.90
N GLN A 199 2.43 2.82 -15.43
CA GLN A 199 3.49 3.51 -14.72
C GLN A 199 2.97 4.31 -13.53
N THR A 200 1.78 4.89 -13.66
CA THR A 200 1.22 5.65 -12.54
C THR A 200 0.71 4.70 -11.46
N ASP A 201 0.18 3.54 -11.86
CA ASP A 201 -0.23 2.50 -10.91
C ASP A 201 0.97 2.00 -10.10
N ARG A 202 2.08 1.73 -10.80
CA ARG A 202 3.33 1.38 -10.15
C ARG A 202 3.72 2.42 -9.11
N PHE A 203 3.56 3.69 -9.45
CA PHE A 203 3.93 4.76 -8.52
C PHE A 203 3.03 4.79 -7.30
N VAL A 204 1.74 4.54 -7.51
CA VAL A 204 0.77 4.58 -6.44
C VAL A 204 1.06 3.44 -5.47
N HIS A 205 1.44 2.29 -6.02
CA HIS A 205 1.79 1.15 -5.17
C HIS A 205 3.03 1.49 -4.34
N ASP A 206 4.04 2.08 -4.97
CA ASP A 206 5.24 2.46 -4.22
C ASP A 206 4.95 3.49 -3.10
N ILE A 207 4.00 4.39 -3.33
CA ILE A 207 3.60 5.34 -2.29
C ILE A 207 2.81 4.64 -1.18
N ALA A 208 1.98 3.67 -1.53
CA ALA A 208 1.31 2.86 -0.51
C ALA A 208 2.34 2.19 0.42
N ARG A 209 3.36 1.57 -0.17
CA ARG A 209 4.52 1.02 0.56
C ARG A 209 5.15 2.04 1.51
N LEU A 210 5.46 3.21 0.97
CA LEU A 210 5.98 4.33 1.74
C LEU A 210 5.11 4.64 2.99
N HIS A 211 3.82 4.87 2.76
CA HIS A 211 2.95 5.26 3.87
C HIS A 211 2.86 4.15 4.92
N LEU A 212 2.80 2.90 4.50
CA LEU A 212 2.90 1.78 5.44
C LEU A 212 4.21 1.83 6.23
N GLY A 213 5.30 2.14 5.52
CA GLY A 213 6.61 2.33 6.14
C GLY A 213 6.62 3.40 7.22
N TYR A 214 6.03 4.55 6.90
CA TYR A 214 5.79 5.62 7.88
C TYR A 214 5.10 5.10 9.12
N LEU A 215 4.03 4.35 8.89
CA LEU A 215 3.16 3.91 9.98
C LEU A 215 3.88 2.86 10.84
N ALA A 216 4.72 2.05 10.21
CA ALA A 216 5.54 1.10 10.96
C ALA A 216 6.55 1.81 11.86
N GLU A 217 7.26 2.80 11.31
CA GLU A 217 8.28 3.49 12.09
C GLU A 217 7.62 4.25 13.24
N ALA A 218 6.42 4.77 13.00
CA ALA A 218 5.69 5.46 14.06
C ALA A 218 5.21 4.51 15.13
N ALA A 219 4.76 3.32 14.74
CA ALA A 219 4.28 2.36 15.73
C ALA A 219 5.43 1.99 16.67
N TRP A 220 6.62 1.77 16.11
CA TRP A 220 7.80 1.42 16.91
C TRP A 220 8.20 2.56 17.86
N ALA A 221 8.11 3.80 17.41
CA ALA A 221 8.48 4.90 18.27
C ALA A 221 7.54 4.97 19.47
N GLU A 222 6.27 4.70 19.18
CA GLU A 222 5.21 4.76 20.16
C GLU A 222 5.33 3.62 21.16
N THR A 223 5.42 2.40 20.64
CA THR A 223 5.49 1.21 21.48
C THR A 223 6.88 0.99 22.10
N ARG A 224 7.84 1.86 21.75
CA ARG A 224 9.22 1.77 22.23
C ARG A 224 9.93 0.47 21.82
N HIS A 225 9.67 0.01 20.60
CA HIS A 225 10.23 -1.23 20.07
C HIS A 225 11.67 -1.05 19.61
N ALA A 226 12.52 -2.01 19.96
CA ALA A 226 13.92 -2.02 19.55
C ALA A 226 14.14 -3.12 18.53
N PRO A 227 14.03 -2.79 17.23
CA PRO A 227 14.13 -3.82 16.20
C PRO A 227 15.54 -4.37 16.08
N LYS A 228 15.63 -5.65 15.73
CA LYS A 228 16.90 -6.21 15.27
C LYS A 228 17.23 -5.53 13.94
N VAL A 229 18.50 -5.58 13.55
CA VAL A 229 18.93 -4.97 12.30
C VAL A 229 18.07 -5.44 11.13
N TRP A 230 17.79 -6.74 11.06
CA TRP A 230 17.03 -7.23 9.89
C TRP A 230 15.62 -6.62 9.86
N GLU A 231 14.98 -6.51 11.02
CA GLU A 231 13.62 -5.98 11.05
C GLU A 231 13.63 -4.50 10.69
N TYR A 232 14.62 -3.75 11.17
CA TYR A 232 14.75 -2.35 10.79
C TYR A 232 14.85 -2.21 9.25
N LEU A 233 15.60 -3.08 8.60
CA LEU A 233 15.83 -2.94 7.16
C LEU A 233 14.60 -3.33 6.36
N VAL A 234 13.80 -4.24 6.93
CA VAL A 234 12.51 -4.57 6.35
C VAL A 234 11.61 -3.33 6.31
N MET A 235 11.51 -2.65 7.45
CA MET A 235 10.75 -1.41 7.50
C MET A 235 11.32 -0.40 6.52
N ARG A 236 12.64 -0.42 6.36
CA ARG A 236 13.32 0.55 5.52
C ARG A 236 13.13 0.24 4.03
N GLN A 237 12.74 -0.98 3.71
CA GLN A 237 12.46 -1.32 2.31
C GLN A 237 11.17 -0.62 1.88
N PHE A 238 10.28 -0.38 2.84
CA PHE A 238 9.01 0.29 2.59
C PHE A 238 9.15 1.80 2.75
N ASN A 239 9.70 2.21 3.88
CA ASN A 239 9.96 3.60 4.22
C ASN A 239 11.23 4.06 3.51
N ASN A 240 11.10 4.40 2.24
CA ASN A 240 12.19 4.21 1.28
C ASN A 240 12.20 5.29 0.17
N PHE A 241 13.30 5.44 -0.53
CA PHE A 241 13.35 6.37 -1.68
C PHE A 241 12.65 5.81 -2.90
N ARG A 242 12.13 4.59 -2.78
CA ARG A 242 11.54 3.87 -3.91
C ARG A 242 10.56 4.65 -4.83
N PRO A 243 9.66 5.48 -4.27
CA PRO A 243 8.77 6.22 -5.18
C PRO A 243 9.48 7.14 -6.18
N CYS A 244 10.71 7.54 -5.87
CA CYS A 244 11.49 8.31 -6.82
C CYS A 244 12.17 7.40 -7.86
N LEU A 245 12.49 6.16 -7.48
CA LEU A 245 13.09 5.25 -8.46
C LEU A 245 12.00 4.63 -9.33
N SER A 246 10.77 4.76 -8.85
CA SER A 246 9.57 4.26 -9.54
C SER A 246 9.38 4.88 -10.91
N ILE A 247 9.90 6.09 -11.09
CA ILE A 247 9.55 6.87 -12.25
C ILE A 247 10.70 7.01 -13.24
N VAL A 248 11.77 6.25 -13.07
CA VAL A 248 12.99 6.50 -13.86
C VAL A 248 12.82 6.27 -15.37
N ASP A 249 12.01 5.30 -15.78
CA ASP A 249 11.79 5.09 -17.21
C ASP A 249 10.94 6.19 -17.80
N ALA A 250 9.83 6.50 -17.14
CA ALA A 250 8.91 7.53 -17.65
C ALA A 250 9.62 8.88 -17.77
N ILE A 251 10.43 9.24 -16.78
CA ILE A 251 11.12 10.51 -16.78
C ILE A 251 12.11 10.60 -17.95
N ASP A 252 12.66 9.47 -18.35
CA ASP A 252 13.60 9.40 -19.46
C ASP A 252 12.86 9.18 -20.77
N GLY A 253 11.54 9.16 -20.71
CA GLY A 253 10.71 9.06 -21.91
C GLY A 253 10.60 7.70 -22.56
N TYR A 254 10.55 6.64 -21.75
CA TYR A 254 10.25 5.32 -22.27
C TYR A 254 9.47 4.53 -21.20
N GLU A 255 9.14 3.28 -21.50
CA GLU A 255 8.45 2.44 -20.53
C GLU A 255 9.02 1.02 -20.47
N LEU A 256 9.42 0.63 -19.27
CA LEU A 256 9.66 -0.78 -18.94
C LEU A 256 8.29 -1.45 -18.86
N PRO A 257 8.04 -2.46 -19.71
CA PRO A 257 6.73 -3.14 -19.66
C PRO A 257 6.47 -3.72 -18.28
N GLU A 258 5.23 -3.59 -17.81
CA GLU A 258 4.89 -4.02 -16.47
C GLU A 258 5.15 -5.52 -16.25
N ALA A 259 4.92 -6.32 -17.27
CA ALA A 259 5.15 -7.76 -17.23
C ALA A 259 6.61 -8.08 -16.95
N LEU A 260 7.50 -7.19 -17.40
CA LEU A 260 8.91 -7.31 -17.06
C LEU A 260 9.16 -6.76 -15.65
N TYR A 261 8.56 -5.61 -15.34
CA TYR A 261 8.72 -5.01 -14.01
C TYR A 261 8.32 -5.98 -12.90
N ALA A 262 7.25 -6.72 -13.15
CA ALA A 262 6.61 -7.52 -12.13
C ALA A 262 7.39 -8.80 -11.84
N ARG A 263 8.31 -9.16 -12.72
CA ARG A 263 9.11 -10.37 -12.52
C ARG A 263 9.86 -10.31 -11.18
N PRO A 264 9.84 -11.42 -10.41
CA PRO A 264 10.57 -11.47 -9.14
C PRO A 264 12.03 -10.98 -9.20
N GLU A 265 12.78 -11.33 -10.25
CA GLU A 265 14.18 -10.92 -10.30
C GLU A 265 14.31 -9.42 -10.50
N ILE A 266 13.35 -8.82 -11.19
CA ILE A 266 13.34 -7.38 -11.40
C ILE A 266 12.87 -6.68 -10.12
N GLN A 267 11.89 -7.29 -9.47
CA GLN A 267 11.46 -6.81 -8.15
C GLN A 267 12.63 -6.82 -7.18
N ARG A 268 13.46 -7.86 -7.26
CA ARG A 268 14.61 -8.00 -6.35
C ARG A 268 15.68 -6.94 -6.59
N VAL A 269 16.15 -6.82 -7.83
CA VAL A 269 17.21 -5.87 -8.10
C VAL A 269 16.72 -4.43 -7.84
N THR A 270 15.44 -4.15 -8.13
CA THR A 270 14.86 -2.84 -7.80
C THR A 270 14.97 -2.60 -6.28
N ALA A 271 14.55 -3.58 -5.47
CA ALA A 271 14.60 -3.43 -4.02
C ALA A 271 16.04 -3.21 -3.55
N LEU A 272 16.97 -3.98 -4.10
CA LEU A 272 18.37 -3.84 -3.75
C LEU A 272 18.88 -2.40 -3.99
N ALA A 273 18.55 -1.83 -5.14
CA ALA A 273 18.93 -0.45 -5.41
C ALA A 273 18.28 0.53 -4.42
N CYS A 274 16.99 0.36 -4.18
CA CYS A 274 16.24 1.25 -3.33
C CYS A 274 16.74 1.18 -1.88
N ASN A 275 17.09 -0.04 -1.47
CA ASN A 275 17.49 -0.28 -0.10
C ASN A 275 18.88 0.28 0.14
N ALA A 276 19.75 0.12 -0.86
CA ALA A 276 21.10 0.69 -0.76
C ALA A 276 21.03 2.21 -0.66
N THR A 277 20.29 2.85 -1.56
CA THR A 277 20.35 4.31 -1.63
C THR A 277 19.63 4.90 -0.42
N THR A 278 18.72 4.15 0.16
CA THR A 278 18.01 4.63 1.34
C THR A 278 18.93 4.51 2.56
N ILE A 279 19.70 3.43 2.62
CA ILE A 279 20.72 3.30 3.67
C ILE A 279 21.70 4.47 3.55
N VAL A 280 21.97 4.89 2.32
CA VAL A 280 22.87 6.04 2.13
C VAL A 280 22.36 7.26 2.88
N ASN A 281 21.06 7.45 2.92
CA ASN A 281 20.54 8.58 3.67
C ASN A 281 20.80 8.42 5.19
N ASP A 282 20.65 7.21 5.70
CA ASP A 282 21.03 6.90 7.11
C ASP A 282 22.46 7.30 7.41
N LEU A 283 23.38 6.92 6.52
CA LEU A 283 24.81 7.19 6.73
C LEU A 283 25.16 8.67 6.74
N TYR A 284 24.56 9.45 5.85
CA TYR A 284 24.89 10.88 5.84
C TYR A 284 24.11 11.68 6.86
N SER A 285 22.93 11.24 7.29
CA SER A 285 22.21 12.05 8.27
C SER A 285 22.54 11.65 9.72
N PHE A 286 23.24 10.54 9.89
CA PHE A 286 23.55 9.98 11.22
C PHE A 286 24.02 11.02 12.24
N THR A 287 25.08 11.75 11.89
CA THR A 287 25.69 12.70 12.81
C THR A 287 24.66 13.74 13.23
N ARG A 288 23.93 14.29 12.28
CA ARG A 288 22.92 15.30 12.59
C ARG A 288 21.85 14.75 13.54
N GLU A 289 21.34 13.56 13.24
CA GLU A 289 20.24 13.03 14.02
C GLU A 289 20.72 12.58 15.38
N LEU A 290 22.02 12.33 15.50
CA LEU A 290 22.60 12.00 16.80
C LEU A 290 22.35 13.16 17.76
N ALA A 291 22.62 14.37 17.29
CA ALA A 291 22.43 15.57 18.10
C ALA A 291 20.96 15.94 18.30
N SER A 292 20.19 15.89 17.22
CA SER A 292 18.85 16.46 17.21
C SER A 292 17.75 15.48 17.66
N ASP A 293 17.88 14.21 17.28
CA ASP A 293 16.83 13.23 17.54
C ASP A 293 17.42 11.84 17.83
N PRO A 294 18.00 11.67 19.02
CA PRO A 294 18.74 10.45 19.36
C PRO A 294 17.87 9.20 19.29
N ASP A 295 16.56 9.38 19.42
CA ASP A 295 15.65 8.23 19.41
C ASP A 295 15.22 7.91 18.00
N HIS A 296 15.64 8.71 17.03
CA HIS A 296 15.32 8.40 15.65
C HIS A 296 16.18 7.24 15.13
N LEU A 297 15.53 6.19 14.65
CA LEU A 297 16.26 5.02 14.17
C LEU A 297 16.95 5.25 12.84
N ASN A 298 18.20 4.82 12.76
CA ASN A 298 18.90 4.69 11.47
C ASN A 298 19.79 3.46 11.60
N LEU A 299 20.41 3.05 10.50
CA LEU A 299 21.13 1.78 10.50
C LEU A 299 22.25 1.75 11.56
N PRO A 300 23.13 2.78 11.61
CA PRO A 300 24.15 2.74 12.66
C PRO A 300 23.58 2.62 14.08
N GLN A 301 22.52 3.36 14.38
CA GLN A 301 21.98 3.34 15.73
C GLN A 301 21.43 1.96 16.03
N VAL A 302 20.70 1.39 15.07
CA VAL A 302 20.12 0.07 15.27
C VAL A 302 21.22 -1.00 15.39
N VAL A 303 22.23 -0.92 14.53
CA VAL A 303 23.35 -1.86 14.63
C VAL A 303 24.00 -1.74 16.01
N ALA A 304 24.15 -0.51 16.49
CA ALA A 304 24.82 -0.29 17.78
C ALA A 304 23.95 -0.72 18.95
N ALA A 305 22.65 -0.58 18.79
CA ALA A 305 21.77 -0.96 19.89
C ALA A 305 21.75 -2.48 20.03
N ASN A 306 21.85 -3.18 18.91
CA ASN A 306 21.82 -4.64 18.93
C ASN A 306 23.18 -5.28 19.26
N ASP A 307 24.28 -4.75 18.72
CA ASP A 307 25.58 -5.36 18.81
C ASP A 307 26.31 -5.00 20.11
N GLN A 308 25.95 -3.84 20.65
CA GLN A 308 26.70 -3.18 21.71
C GLN A 308 28.21 -3.20 21.56
N ARG A 309 28.71 -2.79 20.41
CA ARG A 309 30.18 -2.65 20.30
C ARG A 309 30.55 -1.19 20.05
N GLY A 310 29.66 -0.26 20.39
CA GLY A 310 29.94 1.16 20.16
C GLY A 310 29.50 1.67 18.79
N LEU A 311 29.32 2.98 18.71
CA LEU A 311 28.80 3.62 17.52
C LEU A 311 29.80 3.60 16.36
N LYS A 312 31.07 3.77 16.65
CA LYS A 312 32.09 3.74 15.60
C LYS A 312 32.09 2.39 14.86
N ALA A 313 32.12 1.30 15.62
CA ALA A 313 32.07 -0.04 15.04
C ALA A 313 30.76 -0.24 14.27
N ALA A 314 29.66 0.25 14.85
CA ALA A 314 28.34 0.09 14.26
C ALA A 314 28.20 0.82 12.92
N TYR A 315 28.83 1.98 12.83
CA TYR A 315 28.79 2.81 11.64
C TYR A 315 29.60 2.15 10.52
N LEU A 316 30.77 1.63 10.86
CA LEU A 316 31.62 1.00 9.86
C LEU A 316 30.96 -0.26 9.38
N LYS A 317 30.23 -0.90 10.28
CA LYS A 317 29.49 -2.08 9.92
C LYS A 317 28.35 -1.69 8.98
N SER A 318 27.74 -0.53 9.25
CA SER A 318 26.62 -0.05 8.43
C SER A 318 27.07 0.21 7.00
N VAL A 319 28.28 0.72 6.84
CA VAL A 319 28.84 0.99 5.51
C VAL A 319 29.04 -0.34 4.77
N GLU A 320 29.56 -1.32 5.50
CA GLU A 320 29.77 -2.66 4.94
C GLU A 320 28.47 -3.33 4.53
N ILE A 321 27.42 -3.18 5.34
CA ILE A 321 26.12 -3.70 4.93
C ILE A 321 25.63 -3.00 3.62
N HIS A 322 25.74 -1.68 3.58
CA HIS A 322 25.41 -0.95 2.36
C HIS A 322 26.16 -1.51 1.17
N ASN A 323 27.46 -1.71 1.36
CA ASN A 323 28.30 -2.12 0.26
C ASN A 323 27.90 -3.50 -0.25
N GLN A 324 27.53 -4.39 0.66
CA GLN A 324 27.12 -5.72 0.25
C GLN A 324 25.83 -5.71 -0.57
N ILE A 325 24.90 -4.87 -0.16
CA ILE A 325 23.60 -4.78 -0.83
C ILE A 325 23.77 -4.12 -2.18
N MET A 326 24.65 -3.12 -2.24
CA MET A 326 24.96 -2.42 -3.46
C MET A 326 25.70 -3.33 -4.45
N GLU A 327 26.60 -4.14 -3.92
CA GLU A 327 27.28 -5.12 -4.73
C GLU A 327 26.30 -6.14 -5.33
N ALA A 328 25.30 -6.55 -4.55
CA ALA A 328 24.30 -7.47 -5.07
C ALA A 328 23.51 -6.83 -6.21
N PHE A 329 23.14 -5.58 -6.02
CA PHE A 329 22.42 -4.85 -7.05
C PHE A 329 23.24 -4.78 -8.36
N GLU A 330 24.51 -4.45 -8.25
CA GLU A 330 25.34 -4.29 -9.44
C GLU A 330 25.54 -5.63 -10.13
N THR A 331 25.83 -6.65 -9.33
CA THR A 331 26.10 -7.98 -9.85
C THR A 331 24.91 -8.61 -10.55
N GLU A 332 23.74 -8.54 -9.91
CA GLU A 332 22.55 -9.10 -10.53
C GLU A 332 22.01 -8.20 -11.66
N SER A 333 22.33 -6.90 -11.63
CA SER A 333 21.97 -6.02 -12.75
C SER A 333 22.73 -6.44 -14.01
N ALA A 334 24.00 -6.79 -13.83
CA ALA A 334 24.86 -7.10 -14.95
C ALA A 334 24.35 -8.34 -15.70
N LEU A 335 23.85 -9.32 -14.96
CA LEU A 335 23.32 -10.52 -15.60
C LEU A 335 22.01 -10.22 -16.31
N LEU A 336 21.14 -9.45 -15.66
CA LEU A 336 19.81 -9.18 -16.22
C LEU A 336 19.84 -8.28 -17.46
N ALA A 337 20.83 -7.39 -17.53
CA ALA A 337 20.96 -6.42 -18.62
C ALA A 337 20.85 -7.01 -20.02
N ALA A 338 21.42 -8.20 -20.18
CA ALA A 338 21.57 -8.82 -21.50
C ALA A 338 20.29 -9.44 -22.05
N THR A 339 19.24 -9.44 -21.23
CA THR A 339 18.01 -10.11 -21.63
C THR A 339 17.09 -9.21 -22.46
N SER A 340 17.23 -7.90 -22.32
CA SER A 340 16.33 -6.96 -22.98
C SER A 340 16.88 -5.55 -22.98
N PRO A 341 16.83 -4.86 -24.12
CA PRO A 341 17.32 -3.47 -24.13
C PRO A 341 16.51 -2.58 -23.19
N LEU A 342 15.25 -2.92 -22.97
CA LEU A 342 14.42 -2.11 -22.09
C LEU A 342 14.81 -2.37 -20.63
N ILE A 343 15.02 -3.62 -20.26
CA ILE A 343 15.52 -3.94 -18.93
C ILE A 343 16.89 -3.27 -18.68
N GLU A 344 17.75 -3.33 -19.69
CA GLU A 344 19.07 -2.70 -19.59
C GLU A 344 18.97 -1.20 -19.34
N ARG A 345 18.04 -0.54 -20.02
CA ARG A 345 17.89 0.90 -19.89
C ARG A 345 17.36 1.23 -18.48
N TYR A 346 16.42 0.41 -18.02
CA TYR A 346 15.83 0.55 -16.70
C TYR A 346 16.90 0.37 -15.62
N LEU A 347 17.71 -0.68 -15.74
CA LEU A 347 18.74 -0.95 -14.72
C LEU A 347 19.76 0.19 -14.68
N GLN A 348 20.01 0.81 -15.83
CA GLN A 348 20.92 1.94 -15.90
C GLN A 348 20.29 3.18 -15.27
N GLY A 349 18.98 3.35 -15.46
CA GLY A 349 18.22 4.38 -14.78
C GLY A 349 18.27 4.24 -13.25
N LEU A 350 18.03 3.03 -12.75
CA LEU A 350 18.22 2.74 -11.33
C LEU A 350 19.62 3.10 -10.85
N ALA A 351 20.63 2.70 -11.60
CA ALA A 351 22.00 2.90 -11.15
C ALA A 351 22.35 4.37 -11.14
N ASP A 352 21.90 5.07 -12.18
CA ASP A 352 22.16 6.49 -12.28
C ASP A 352 21.41 7.28 -11.21
N TRP A 353 20.23 6.79 -10.78
CA TRP A 353 19.48 7.43 -9.70
C TRP A 353 20.26 7.28 -8.39
N VAL A 354 20.69 6.05 -8.12
CA VAL A 354 21.46 5.75 -6.92
C VAL A 354 22.74 6.57 -6.87
N SER A 355 23.39 6.68 -8.01
CA SER A 355 24.64 7.43 -8.14
C SER A 355 24.44 8.92 -7.92
N GLY A 356 23.38 9.48 -8.51
CA GLY A 356 23.12 10.90 -8.38
C GLY A 356 22.63 11.22 -6.99
N ASN A 357 21.89 10.31 -6.39
CA ASN A 357 21.39 10.52 -5.03
C ASN A 357 22.55 10.51 -4.05
N HIS A 358 23.54 9.66 -4.31
CA HIS A 358 24.71 9.65 -3.45
C HIS A 358 25.50 10.96 -3.58
N GLU A 359 25.70 11.40 -4.81
CA GLU A 359 26.40 12.65 -5.08
C GLU A 359 25.70 13.80 -4.38
N TRP A 360 24.35 13.81 -4.44
CA TRP A 360 23.58 14.87 -3.79
C TRP A 360 23.87 14.93 -2.28
N HIS A 361 23.82 13.78 -1.62
CA HIS A 361 24.11 13.72 -0.17
C HIS A 361 25.54 14.12 0.15
N ALA A 362 26.47 13.64 -0.68
CA ALA A 362 27.89 13.76 -0.37
C ALA A 362 28.34 15.19 -0.55
N THR A 363 27.57 15.98 -1.31
CA THR A 363 27.93 17.36 -1.57
C THR A 363 27.00 18.38 -0.91
N ASN A 364 26.02 17.91 -0.18
CA ASN A 364 25.19 18.80 0.60
C ASN A 364 25.89 19.05 1.94
N THR A 365 26.94 19.85 1.87
CA THR A 365 27.78 20.15 3.02
C THR A 365 26.98 20.68 4.21
N ASP A 366 25.92 21.43 3.91
CA ASP A 366 25.18 22.11 4.94
C ASP A 366 24.26 21.19 5.71
N ARG A 367 23.60 20.29 5.03
CA ARG A 367 22.66 19.44 5.70
C ARG A 367 23.25 18.16 6.29
N TYR A 368 24.27 17.65 5.68
CA TYR A 368 24.87 16.39 6.15
C TYR A 368 26.34 16.54 6.50
N GLN A 369 26.72 16.00 7.66
CA GLN A 369 28.13 15.92 8.04
C GLN A 369 28.48 14.48 8.36
N LEU A 370 29.78 14.19 8.36
CA LEU A 370 30.27 12.85 8.64
C LEU A 370 30.91 12.80 10.02
N PRO A 371 30.80 11.65 10.68
CA PRO A 371 31.43 11.41 11.99
C PRO A 371 32.92 11.24 11.85
N ASN A 372 33.67 11.43 12.93
CA ASN A 372 35.11 11.29 12.86
C ASN A 372 35.54 9.87 13.17
N TYR A 373 35.25 8.96 12.24
CA TYR A 373 35.52 7.54 12.46
C TYR A 373 36.66 6.99 11.61
N TRP A 374 37.38 7.87 10.91
CA TRP A 374 38.46 7.43 10.02
C TRP A 374 39.75 8.20 10.27
N GLY B 50 -37.25 -11.95 4.14
CA GLY B 50 -36.88 -12.79 5.26
C GLY B 50 -35.40 -12.77 5.59
N GLY B 51 -34.55 -12.90 4.57
CA GLY B 51 -33.11 -12.98 4.78
C GLY B 51 -32.31 -11.82 4.20
N ALA B 52 -32.76 -11.27 3.07
CA ALA B 52 -32.07 -10.15 2.44
C ALA B 52 -32.69 -8.82 2.87
N VAL B 53 -31.85 -7.79 2.89
CA VAL B 53 -32.28 -6.43 3.19
C VAL B 53 -33.33 -5.96 2.19
N PRO B 54 -34.51 -5.55 2.69
CA PRO B 54 -35.54 -4.99 1.81
C PRO B 54 -35.04 -3.75 1.06
N GLY B 55 -35.30 -3.71 -0.24
CA GLY B 55 -34.96 -2.56 -1.05
C GLY B 55 -33.53 -2.56 -1.53
N LEU B 56 -32.75 -3.53 -1.06
CA LEU B 56 -31.35 -3.59 -1.46
C LEU B 56 -31.26 -4.12 -2.89
N ARG B 57 -30.38 -3.49 -3.66
CA ARG B 57 -30.12 -3.90 -5.05
C ARG B 57 -29.09 -5.03 -5.09
N TYR B 58 -29.50 -6.16 -5.65
CA TYR B 58 -28.60 -7.29 -5.82
C TYR B 58 -29.08 -8.21 -6.93
N ARG B 59 -28.14 -8.83 -7.62
CA ARG B 59 -28.50 -9.83 -8.62
C ARG B 59 -28.54 -11.18 -7.93
N PRO B 60 -29.60 -11.95 -8.19
CA PRO B 60 -29.72 -13.31 -7.65
C PRO B 60 -28.50 -14.16 -7.94
N ALA B 61 -28.03 -14.89 -6.93
CA ALA B 61 -26.93 -15.81 -7.14
C ALA B 61 -27.45 -17.24 -7.05
N ALA B 62 -26.96 -18.10 -7.93
CA ALA B 62 -27.34 -19.51 -7.88
C ALA B 62 -26.71 -20.14 -6.64
N PRO B 63 -27.40 -21.10 -6.02
CA PRO B 63 -26.88 -21.68 -4.77
C PRO B 63 -25.58 -22.44 -5.04
N ALA B 64 -24.64 -22.38 -4.09
CA ALA B 64 -23.33 -23.02 -4.25
C ALA B 64 -23.45 -24.54 -4.29
N ASP B 65 -22.71 -25.16 -5.20
CA ASP B 65 -22.61 -26.62 -5.28
C ASP B 65 -22.05 -27.18 -3.98
N PRO B 66 -22.89 -27.85 -3.19
CA PRO B 66 -22.56 -28.33 -1.84
C PRO B 66 -21.35 -29.27 -1.81
N GLU B 67 -21.18 -30.06 -2.86
CA GLU B 67 -20.07 -31.01 -2.90
C GLU B 67 -18.77 -30.30 -3.22
N LYS B 68 -18.89 -29.16 -3.90
CA LYS B 68 -17.76 -28.29 -4.14
C LYS B 68 -17.37 -27.58 -2.83
N VAL B 69 -18.37 -27.02 -2.15
CA VAL B 69 -18.15 -26.33 -0.88
C VAL B 69 -17.41 -27.22 0.10
N GLU B 70 -17.91 -28.44 0.27
CA GLU B 70 -17.32 -29.43 1.18
C GLU B 70 -15.84 -29.75 0.88
N GLU B 71 -15.56 -30.03 -0.39
CA GLU B 71 -14.19 -30.38 -0.79
C GLU B 71 -13.25 -29.22 -0.51
N ILE B 72 -13.75 -28.01 -0.70
CA ILE B 72 -12.96 -26.80 -0.46
C ILE B 72 -12.67 -26.66 1.03
N ASP B 73 -13.70 -26.79 1.85
CA ASP B 73 -13.56 -26.62 3.30
C ASP B 73 -12.65 -27.68 3.86
N ARG B 74 -12.72 -28.86 3.27
CA ARG B 74 -11.89 -30.00 3.62
C ARG B 74 -10.45 -29.66 3.31
N ARG B 75 -10.22 -29.21 2.10
CA ARG B 75 -8.88 -28.82 1.68
C ARG B 75 -8.33 -27.68 2.52
N LEU B 76 -9.16 -26.67 2.80
CA LEU B 76 -8.70 -25.54 3.60
C LEU B 76 -8.35 -25.96 5.03
N GLU B 77 -9.12 -26.89 5.60
CA GLU B 77 -8.84 -27.39 6.92
C GLU B 77 -7.45 -28.03 6.93
N THR B 78 -7.23 -28.99 6.07
CA THR B 78 -5.96 -29.70 5.97
C THR B 78 -4.80 -28.71 5.85
N TRP B 79 -5.00 -27.69 5.03
CA TRP B 79 -3.96 -26.69 4.82
C TRP B 79 -3.63 -25.91 6.10
N ALA B 80 -4.67 -25.46 6.81
CA ALA B 80 -4.48 -24.73 8.06
C ALA B 80 -3.79 -25.59 9.11
N ARG B 81 -4.10 -26.88 9.12
CA ARG B 81 -3.48 -27.79 10.08
C ARG B 81 -1.99 -27.94 9.79
N GLU B 82 -1.66 -28.17 8.52
CA GLU B 82 -0.27 -28.40 8.15
C GLU B 82 0.59 -27.16 8.40
N LEU B 83 -0.05 -26.01 8.51
CA LEU B 83 0.65 -24.76 8.77
C LEU B 83 0.51 -24.32 10.22
N ASP B 84 -0.15 -25.17 11.02
CA ASP B 84 -0.34 -24.89 12.43
C ASP B 84 -0.97 -23.51 12.65
N LEU B 85 -2.19 -23.33 12.15
CA LEU B 85 -2.83 -22.02 12.18
C LEU B 85 -3.89 -21.90 13.29
N PHE B 86 -4.02 -22.94 14.10
CA PHE B 86 -5.06 -22.99 15.14
C PHE B 86 -4.53 -22.61 16.52
N SER B 91 -9.94 -28.36 17.46
CA SER B 91 -11.00 -28.66 18.41
C SER B 91 -12.32 -27.99 18.03
N GLY B 92 -12.55 -27.79 16.73
CA GLY B 92 -13.76 -27.14 16.28
C GLY B 92 -14.11 -27.48 14.84
N ASP B 93 -15.38 -27.27 14.49
CA ASP B 93 -15.83 -27.52 13.12
C ASP B 93 -15.48 -26.33 12.22
N PHE B 94 -14.63 -26.59 11.25
CA PHE B 94 -14.12 -25.55 10.38
C PHE B 94 -15.17 -25.09 9.37
N ALA B 95 -16.01 -26.02 8.94
CA ALA B 95 -17.11 -25.74 8.02
C ALA B 95 -18.03 -24.60 8.49
N GLU B 96 -18.02 -24.33 9.78
CA GLU B 96 -18.88 -23.33 10.43
C GLU B 96 -18.50 -21.88 10.08
N PHE B 97 -17.26 -21.68 9.67
CA PHE B 97 -16.83 -20.36 9.24
C PHE B 97 -17.26 -20.09 7.80
N GLN B 98 -17.67 -21.15 7.12
CA GLN B 98 -18.22 -21.07 5.76
C GLN B 98 -17.28 -20.40 4.76
N PHE B 99 -15.99 -20.76 4.82
CA PHE B 99 -15.05 -20.28 3.80
C PHE B 99 -15.30 -20.92 2.45
N GLY B 100 -15.63 -22.22 2.43
CA GLY B 100 -15.84 -22.92 1.19
C GLY B 100 -17.03 -22.37 0.44
N ARG B 101 -18.07 -22.09 1.23
CA ARG B 101 -19.29 -21.51 0.69
C ARG B 101 -19.04 -20.13 0.13
N ALA B 102 -18.16 -19.39 0.80
CA ALA B 102 -17.86 -18.03 0.38
C ALA B 102 -17.20 -18.00 -1.00
N VAL B 103 -16.15 -18.80 -1.20
CA VAL B 103 -15.44 -18.75 -2.48
C VAL B 103 -16.22 -19.41 -3.62
N VAL B 104 -17.01 -20.43 -3.32
CA VAL B 104 -17.79 -21.06 -4.38
C VAL B 104 -18.84 -20.06 -4.89
N LEU B 105 -19.42 -19.29 -3.98
CA LEU B 105 -20.40 -18.28 -4.38
C LEU B 105 -19.73 -17.11 -5.11
N GLN B 106 -18.58 -16.69 -4.59
CA GLN B 106 -17.90 -15.50 -5.07
C GLN B 106 -17.22 -15.70 -6.42
N HIS B 107 -16.88 -16.94 -6.76
CA HIS B 107 -16.16 -17.25 -8.00
C HIS B 107 -16.84 -18.36 -8.80
N PRO B 108 -18.08 -18.13 -9.22
CA PRO B 108 -18.86 -19.14 -9.94
C PRO B 108 -18.17 -19.60 -11.24
N GLY B 109 -17.34 -18.73 -11.81
CA GLY B 109 -16.62 -19.07 -13.03
C GLY B 109 -15.23 -19.68 -12.84
N ALA B 110 -14.93 -20.13 -11.63
CA ALA B 110 -13.60 -20.68 -11.32
C ALA B 110 -13.20 -21.82 -12.24
N ALA B 111 -11.95 -21.79 -12.72
CA ALA B 111 -11.51 -22.71 -13.76
C ALA B 111 -11.44 -24.15 -13.24
N ASP B 112 -11.11 -24.33 -11.97
CA ASP B 112 -11.00 -25.68 -11.39
C ASP B 112 -10.93 -25.63 -9.86
N LEU B 113 -10.87 -26.79 -9.22
CA LEU B 113 -10.89 -26.86 -7.75
C LEU B 113 -9.65 -26.22 -7.15
N GLU B 114 -8.52 -26.39 -7.82
CA GLU B 114 -7.26 -25.86 -7.31
C GLU B 114 -7.29 -24.34 -7.23
N ARG B 115 -7.94 -23.69 -8.20
CA ARG B 115 -8.02 -22.24 -8.18
C ARG B 115 -9.03 -21.77 -7.15
N LEU B 116 -10.14 -22.51 -7.00
CA LEU B 116 -11.11 -22.17 -5.95
C LEU B 116 -10.45 -22.29 -4.58
N THR B 117 -9.71 -23.38 -4.41
CA THR B 117 -8.97 -23.65 -3.17
C THR B 117 -8.01 -22.50 -2.91
N ALA B 118 -7.31 -22.06 -3.95
CA ALA B 118 -6.39 -20.94 -3.82
C ALA B 118 -7.08 -19.66 -3.36
N ALA B 119 -8.25 -19.37 -3.92
CA ALA B 119 -9.00 -18.19 -3.48
C ALA B 119 -9.37 -18.32 -2.00
N GLY B 120 -9.68 -19.55 -1.58
CA GLY B 120 -9.97 -19.83 -0.18
C GLY B 120 -8.80 -19.60 0.76
N LYS B 121 -7.62 -19.98 0.31
CA LYS B 121 -6.44 -19.83 1.15
C LYS B 121 -6.16 -18.36 1.43
N LEU B 122 -6.34 -17.54 0.41
CA LEU B 122 -6.13 -16.11 0.53
C LEU B 122 -7.15 -15.50 1.49
N LEU B 123 -8.41 -15.92 1.37
CA LEU B 123 -9.47 -15.38 2.20
C LEU B 123 -9.23 -15.77 3.66
N LEU B 124 -8.82 -17.01 3.84
CA LEU B 124 -8.49 -17.54 5.16
C LEU B 124 -7.35 -16.72 5.79
N ALA B 125 -6.26 -16.57 5.04
CA ALA B 125 -5.11 -15.78 5.48
C ALA B 125 -5.55 -14.37 5.85
N GLU B 126 -6.34 -13.74 4.99
CA GLU B 126 -6.83 -12.39 5.23
C GLU B 126 -7.59 -12.30 6.54
N ASN B 127 -8.44 -13.28 6.79
CA ASN B 127 -9.20 -13.30 8.03
C ASN B 127 -8.31 -13.54 9.23
N ILE B 128 -7.31 -14.39 9.07
CA ILE B 128 -6.43 -14.70 10.20
C ILE B 128 -5.68 -13.47 10.67
N VAL B 129 -5.06 -12.78 9.72
CA VAL B 129 -4.32 -11.55 10.00
C VAL B 129 -5.23 -10.50 10.65
N ASP B 130 -6.37 -10.26 10.02
CA ASP B 130 -7.35 -9.33 10.54
C ASP B 130 -7.70 -9.64 12.00
N ASN B 131 -8.06 -10.89 12.28
CA ASN B 131 -8.50 -11.24 13.63
C ASN B 131 -7.38 -11.18 14.68
N CYS B 132 -6.18 -11.59 14.27
N CYS B 132 -6.18 -11.61 14.31
CA CYS B 132 -5.07 -11.73 15.20
CA CYS B 132 -5.10 -11.68 15.28
C CYS B 132 -4.28 -10.43 15.40
C CYS B 132 -4.38 -10.35 15.46
N TYR B 133 -4.31 -9.55 14.40
CA TYR B 133 -3.60 -8.27 14.49
C TYR B 133 -4.51 -7.05 14.63
N CYS B 134 -5.67 -7.05 13.99
CA CYS B 134 -6.58 -5.90 14.09
C CYS B 134 -7.61 -6.04 15.19
N GLU B 135 -7.99 -7.27 15.51
CA GLU B 135 -9.08 -7.49 16.45
C GLU B 135 -8.58 -7.87 17.83
N GLU B 136 -7.33 -8.31 17.91
CA GLU B 136 -6.72 -8.66 19.19
C GLU B 136 -5.48 -7.79 19.47
N ASP B 137 -5.33 -7.33 20.71
CA ASP B 137 -4.15 -6.56 21.07
C ASP B 137 -2.98 -7.48 21.35
N GLU B 138 -1.77 -6.94 21.34
CA GLU B 138 -0.61 -7.71 21.73
C GLU B 138 -0.71 -8.13 23.19
N GLY B 139 -0.33 -9.37 23.46
CA GLY B 139 -0.28 -9.87 24.83
C GLY B 139 0.64 -9.02 25.68
N ARG B 140 0.31 -8.88 26.97
CA ARG B 140 1.15 -8.17 27.91
C ARG B 140 2.48 -8.91 28.13
N GLY B 141 3.56 -8.16 28.33
CA GLY B 141 4.77 -8.73 28.87
C GLY B 141 5.81 -9.29 27.93
N GLY B 142 5.71 -8.97 26.65
CA GLY B 142 6.73 -9.38 25.71
C GLY B 142 7.16 -8.22 24.84
N ALA B 143 7.49 -8.52 23.59
CA ALA B 143 7.79 -7.47 22.62
C ALA B 143 6.49 -6.85 22.12
N HIS B 144 6.57 -5.57 21.76
N HIS B 144 6.51 -5.55 21.88
CA HIS B 144 5.42 -4.71 21.52
CA HIS B 144 5.32 -4.88 21.41
C HIS B 144 5.65 -3.92 20.22
C HIS B 144 5.67 -4.01 20.23
N ARG B 145 4.99 -4.28 19.12
CA ARG B 145 5.30 -3.65 17.84
C ARG B 145 4.21 -2.71 17.36
N GLY B 146 3.02 -2.82 17.93
CA GLY B 146 1.89 -2.02 17.50
C GLY B 146 1.31 -2.52 16.20
N LEU B 147 0.14 -2.01 15.83
CA LEU B 147 -0.50 -2.37 14.57
C LEU B 147 0.43 -2.10 13.38
N GLY B 148 1.02 -0.92 13.37
CA GLY B 148 1.87 -0.52 12.27
C GLY B 148 3.04 -1.47 12.09
N GLY B 149 3.56 -1.98 13.20
CA GLY B 149 4.71 -2.85 13.17
C GLY B 149 4.33 -4.24 12.75
N ARG B 150 3.21 -4.74 13.26
CA ARG B 150 2.77 -6.07 12.88
C ARG B 150 2.34 -6.09 11.39
N LEU B 151 1.67 -5.04 10.93
CA LEU B 151 1.23 -5.00 9.56
C LEU B 151 2.39 -4.90 8.57
N ILE B 152 3.48 -4.22 8.93
CA ILE B 152 4.57 -4.07 7.97
C ILE B 152 5.28 -5.43 7.78
N MET B 153 5.29 -6.25 8.81
CA MET B 153 5.78 -7.63 8.70
C MET B 153 4.82 -8.47 7.87
N ALA B 154 3.52 -8.27 8.03
CA ALA B 154 2.53 -8.94 7.18
C ALA B 154 2.70 -8.56 5.70
N GLN B 155 3.01 -7.30 5.42
CA GLN B 155 3.23 -6.86 4.04
C GLN B 155 4.49 -7.52 3.47
N SER B 156 5.52 -7.64 4.30
CA SER B 156 6.76 -8.28 3.88
C SER B 156 6.55 -9.77 3.59
N ALA B 157 5.62 -10.40 4.28
CA ALA B 157 5.31 -11.80 3.97
C ALA B 157 4.80 -11.94 2.52
N LEU B 158 4.19 -10.89 2.00
CA LEU B 158 3.67 -10.87 0.63
C LEU B 158 4.65 -10.29 -0.38
N ASP B 159 5.38 -9.27 0.07
CA ASP B 159 6.29 -8.49 -0.76
C ASP B 159 7.67 -8.67 -0.12
N PRO B 160 8.41 -9.71 -0.56
CA PRO B 160 9.65 -10.28 0.00
C PRO B 160 10.77 -9.28 0.22
N TYR B 161 11.49 -9.47 1.32
CA TYR B 161 12.60 -8.60 1.68
C TYR B 161 13.88 -9.00 0.93
N HIS B 162 14.67 -8.01 0.53
CA HIS B 162 15.93 -8.24 -0.16
C HIS B 162 17.07 -7.49 0.52
N GLY B 163 18.17 -8.20 0.79
CA GLY B 163 19.31 -7.55 1.42
C GLY B 163 20.50 -8.48 1.41
N THR B 164 21.18 -8.60 2.55
CA THR B 164 22.29 -9.53 2.71
C THR B 164 21.73 -10.91 2.97
N PRO B 165 22.45 -11.97 2.56
CA PRO B 165 22.06 -13.34 2.88
C PRO B 165 21.68 -13.53 4.36
N GLU B 166 22.49 -13.00 5.29
CA GLU B 166 22.21 -13.18 6.71
C GLU B 166 20.88 -12.52 7.13
N HIS B 167 20.65 -11.25 6.76
CA HIS B 167 19.41 -10.62 7.17
C HIS B 167 18.18 -11.26 6.50
N GLU B 168 18.32 -11.73 5.26
CA GLU B 168 17.20 -12.40 4.61
C GLU B 168 16.84 -13.69 5.36
N GLU B 169 17.85 -14.42 5.84
CA GLU B 169 17.54 -15.65 6.59
C GLU B 169 16.79 -15.37 7.90
N GLU B 170 17.21 -14.33 8.61
CA GLU B 170 16.54 -13.94 9.85
C GLU B 170 15.11 -13.52 9.55
N TRP B 171 14.94 -12.81 8.46
CA TRP B 171 13.61 -12.36 8.01
C TRP B 171 12.73 -13.56 7.67
N ARG B 172 13.28 -14.51 6.93
CA ARG B 172 12.54 -15.72 6.59
C ARG B 172 12.09 -16.46 7.85
N ARG B 173 12.96 -16.55 8.84
CA ARG B 173 12.62 -17.21 10.10
C ARG B 173 11.53 -16.43 10.83
N GLY B 174 11.63 -15.11 10.82
CA GLY B 174 10.61 -14.30 11.47
C GLY B 174 9.24 -14.52 10.84
N VAL B 175 9.22 -14.70 9.52
CA VAL B 175 7.96 -14.96 8.82
C VAL B 175 7.39 -16.33 9.20
N GLN B 176 8.27 -17.30 9.44
CA GLN B 176 7.82 -18.64 9.83
C GLN B 176 7.32 -18.69 11.26
N ALA B 177 7.71 -17.73 12.08
CA ALA B 177 7.47 -17.83 13.52
C ALA B 177 6.04 -17.44 13.96
N ASP B 178 5.28 -16.79 13.09
CA ASP B 178 3.92 -16.42 13.46
C ASP B 178 2.90 -16.95 12.44
N GLY B 179 1.87 -17.64 12.92
CA GLY B 179 0.84 -18.19 12.06
C GLY B 179 0.25 -17.24 11.02
N PRO B 180 -0.18 -16.06 11.45
CA PRO B 180 -0.69 -15.04 10.53
C PRO B 180 0.29 -14.75 9.39
N LEU B 181 1.57 -14.55 9.69
CA LEU B 181 2.56 -14.30 8.64
C LEU B 181 2.75 -15.51 7.73
N ARG B 182 2.73 -16.71 8.32
CA ARG B 182 2.82 -17.93 7.54
C ARG B 182 1.66 -18.02 6.57
N SER B 183 0.47 -17.63 7.01
CA SER B 183 -0.72 -17.81 6.17
C SER B 183 -0.64 -16.89 4.95
N TYR B 184 -0.27 -15.62 5.15
CA TYR B 184 -0.03 -14.73 4.02
C TYR B 184 1.04 -15.29 3.11
N HIS B 185 2.17 -15.71 3.69
CA HIS B 185 3.31 -16.12 2.88
C HIS B 185 3.01 -17.31 1.97
N VAL B 186 2.41 -18.34 2.55
CA VAL B 186 2.11 -19.56 1.82
C VAL B 186 0.89 -19.38 0.91
N ALA B 187 -0.10 -18.61 1.37
CA ALA B 187 -1.24 -18.32 0.49
C ALA B 187 -0.79 -17.63 -0.80
N LEU B 188 0.01 -16.57 -0.69
CA LEU B 188 0.47 -15.88 -1.89
C LEU B 188 1.28 -16.83 -2.75
N LYS B 189 2.15 -17.60 -2.10
CA LYS B 189 2.97 -18.58 -2.81
C LYS B 189 2.14 -19.52 -3.69
N ASP B 190 1.04 -20.04 -3.15
CA ASP B 190 0.27 -21.00 -3.90
C ASP B 190 -0.49 -20.29 -5.01
N TYR B 191 -0.93 -19.07 -4.73
CA TYR B 191 -1.61 -18.26 -5.74
C TYR B 191 -0.68 -17.86 -6.88
N ALA B 192 0.54 -17.49 -6.53
CA ALA B 192 1.54 -17.07 -7.51
C ALA B 192 1.94 -18.19 -8.45
N ALA B 193 1.62 -19.42 -8.07
CA ALA B 193 1.92 -20.59 -8.88
C ALA B 193 0.87 -20.76 -9.98
N LEU B 194 -0.23 -20.03 -9.84
CA LEU B 194 -1.35 -20.15 -10.76
C LEU B 194 -1.52 -18.87 -11.57
N ALA B 195 -1.04 -17.76 -11.00
CA ALA B 195 -1.26 -16.42 -11.52
C ALA B 195 0.02 -15.84 -12.11
N THR B 196 -0.11 -14.77 -12.90
CA THR B 196 1.09 -14.09 -13.41
C THR B 196 1.68 -13.17 -12.34
N PRO B 197 2.97 -12.80 -12.49
CA PRO B 197 3.55 -11.79 -11.59
C PRO B 197 2.79 -10.47 -11.63
N SER B 198 2.17 -10.15 -12.77
CA SER B 198 1.34 -8.95 -12.88
C SER B 198 0.15 -9.11 -11.96
N GLN B 199 -0.47 -10.28 -12.02
CA GLN B 199 -1.62 -10.53 -11.16
C GLN B 199 -1.26 -10.59 -9.68
N THR B 200 -0.11 -11.17 -9.34
CA THR B 200 0.24 -11.26 -7.92
C THR B 200 0.52 -9.86 -7.42
N ASP B 201 1.21 -9.06 -8.24
CA ASP B 201 1.54 -7.69 -7.88
C ASP B 201 0.28 -6.84 -7.70
N ARG B 202 -0.76 -7.12 -8.47
CA ARG B 202 -2.04 -6.45 -8.29
C ARG B 202 -2.63 -6.76 -6.92
N PHE B 203 -2.63 -8.04 -6.56
CA PHE B 203 -3.10 -8.47 -5.25
C PHE B 203 -2.29 -7.84 -4.12
N VAL B 204 -0.97 -7.77 -4.28
CA VAL B 204 -0.12 -7.24 -3.23
C VAL B 204 -0.43 -5.77 -2.98
N HIS B 205 -0.65 -5.02 -4.06
CA HIS B 205 -1.09 -3.63 -3.96
C HIS B 205 -2.43 -3.52 -3.25
N ASP B 206 -3.37 -4.40 -3.55
CA ASP B 206 -4.67 -4.33 -2.89
C ASP B 206 -4.55 -4.68 -1.38
N ILE B 207 -3.62 -5.54 -1.02
CA ILE B 207 -3.38 -5.82 0.40
C ILE B 207 -2.77 -4.59 1.10
N ALA B 208 -1.83 -3.95 0.41
CA ALA B 208 -1.25 -2.71 0.90
C ALA B 208 -2.35 -1.69 1.20
N ARG B 209 -3.28 -1.55 0.27
CA ARG B 209 -4.48 -0.74 0.46
C ARG B 209 -5.26 -1.13 1.72
N LEU B 210 -5.51 -2.42 1.86
CA LEU B 210 -6.29 -2.94 2.96
C LEU B 210 -5.61 -2.61 4.28
N HIS B 211 -4.29 -2.78 4.31
CA HIS B 211 -3.54 -2.54 5.55
C HIS B 211 -3.54 -1.06 5.93
N LEU B 212 -3.48 -0.18 4.94
CA LEU B 212 -3.61 1.25 5.19
C LEU B 212 -5.02 1.54 5.72
N GLY B 213 -6.00 0.80 5.21
CA GLY B 213 -7.37 0.95 5.65
C GLY B 213 -7.52 0.53 7.11
N TYR B 214 -6.85 -0.57 7.48
CA TYR B 214 -6.80 -1.02 8.87
C TYR B 214 -6.24 0.07 9.78
N LEU B 215 -5.15 0.69 9.35
CA LEU B 215 -4.44 1.65 10.18
C LEU B 215 -5.21 2.96 10.31
N ALA B 216 -5.93 3.32 9.26
CA ALA B 216 -6.80 4.50 9.32
C ALA B 216 -7.93 4.27 10.32
N GLU B 217 -8.61 3.14 10.22
CA GLU B 217 -9.68 2.85 11.18
C GLU B 217 -9.16 2.83 12.64
N ALA B 218 -7.99 2.23 12.86
CA ALA B 218 -7.45 2.18 14.22
C ALA B 218 -7.07 3.57 14.73
N ALA B 219 -6.53 4.40 13.85
CA ALA B 219 -6.20 5.76 14.19
C ALA B 219 -7.44 6.55 14.64
N TRP B 220 -8.50 6.57 13.81
CA TRP B 220 -9.73 7.27 14.15
C TRP B 220 -10.29 6.86 15.51
N ALA B 221 -10.25 5.56 15.80
CA ALA B 221 -10.77 5.01 17.04
C ALA B 221 -9.93 5.47 18.24
N GLU B 222 -8.64 5.61 18.03
CA GLU B 222 -7.74 6.10 19.05
C GLU B 222 -7.87 7.61 19.26
N THR B 223 -7.95 8.37 18.16
CA THR B 223 -7.99 9.83 18.27
C THR B 223 -9.41 10.31 18.52
N ARG B 224 -10.34 9.36 18.52
CA ARG B 224 -11.78 9.61 18.72
C ARG B 224 -12.37 10.51 17.61
N HIS B 225 -12.03 10.18 16.36
CA HIS B 225 -12.50 10.94 15.20
C HIS B 225 -13.92 10.53 14.78
N ALA B 226 -14.77 11.52 14.54
CA ALA B 226 -16.12 11.28 14.02
C ALA B 226 -16.19 11.73 12.57
N PRO B 227 -15.87 10.83 11.63
CA PRO B 227 -15.79 11.19 10.21
C PRO B 227 -17.14 11.54 9.63
N LYS B 228 -17.18 12.46 8.67
CA LYS B 228 -18.39 12.62 7.86
C LYS B 228 -18.57 11.36 7.02
N VAL B 229 -19.76 11.17 6.49
CA VAL B 229 -20.07 9.96 5.72
C VAL B 229 -19.09 9.76 4.56
N TRP B 230 -18.78 10.83 3.85
CA TRP B 230 -17.89 10.72 2.72
C TRP B 230 -16.51 10.23 3.19
N GLU B 231 -16.06 10.70 4.35
CA GLU B 231 -14.70 10.36 4.77
C GLU B 231 -14.63 8.92 5.23
N TYR B 232 -15.68 8.47 5.93
CA TYR B 232 -15.78 7.06 6.29
C TYR B 232 -15.70 6.19 5.02
N LEU B 233 -16.43 6.57 3.98
CA LEU B 233 -16.45 5.78 2.76
C LEU B 233 -15.10 5.80 2.05
N VAL B 234 -14.35 6.89 2.17
CA VAL B 234 -13.00 6.91 1.63
C VAL B 234 -12.14 5.86 2.36
N MET B 235 -12.28 5.75 3.69
CA MET B 235 -11.51 4.72 4.41
C MET B 235 -11.95 3.33 3.96
N ARG B 236 -13.26 3.16 3.77
CA ARG B 236 -13.79 1.86 3.38
C ARG B 236 -13.46 1.47 1.95
N GLN B 237 -12.94 2.40 1.16
CA GLN B 237 -12.49 2.02 -0.18
C GLN B 237 -11.19 1.22 -0.06
N PHE B 238 -10.43 1.46 1.01
CA PHE B 238 -9.16 0.76 1.24
C PHE B 238 -9.36 -0.45 2.14
N ASN B 239 -10.03 -0.21 3.26
CA ASN B 239 -10.37 -1.25 4.22
C ASN B 239 -11.56 -2.02 3.66
N ASN B 240 -11.28 -2.92 2.72
CA ASN B 240 -12.25 -3.32 1.70
C ASN B 240 -12.17 -4.82 1.38
N PHE B 241 -13.20 -5.40 0.78
CA PHE B 241 -13.11 -6.75 0.22
C PHE B 241 -12.24 -6.81 -1.05
N ARG B 242 -11.77 -5.65 -1.52
CA ARG B 242 -11.05 -5.54 -2.81
C ARG B 242 -10.03 -6.67 -3.10
N PRO B 243 -9.23 -7.09 -2.09
CA PRO B 243 -8.24 -8.12 -2.48
C PRO B 243 -8.83 -9.45 -2.91
N CYS B 244 -10.10 -9.71 -2.57
CA CYS B 244 -10.77 -10.91 -3.05
C CYS B 244 -11.21 -10.71 -4.49
N LEU B 245 -11.58 -9.50 -4.85
CA LEU B 245 -12.00 -9.21 -6.23
C LEU B 245 -10.78 -8.95 -7.11
N SER B 246 -9.64 -8.68 -6.48
CA SER B 246 -8.37 -8.56 -7.21
C SER B 246 -8.05 -9.79 -8.06
N ILE B 247 -8.63 -10.92 -7.69
CA ILE B 247 -8.22 -12.21 -8.26
C ILE B 247 -9.25 -12.87 -9.18
N VAL B 248 -10.33 -12.17 -9.51
CA VAL B 248 -11.43 -12.82 -10.23
C VAL B 248 -11.00 -13.39 -11.58
N ASP B 249 -10.13 -12.69 -12.31
CA ASP B 249 -9.69 -13.22 -13.61
C ASP B 249 -8.76 -14.42 -13.42
N ALA B 250 -7.75 -14.30 -12.55
CA ALA B 250 -6.85 -15.42 -12.31
C ALA B 250 -7.58 -16.69 -11.89
N ILE B 251 -8.53 -16.57 -10.96
CA ILE B 251 -9.26 -17.74 -10.46
C ILE B 251 -10.12 -18.37 -11.57
N ASP B 252 -10.53 -17.54 -12.52
CA ASP B 252 -11.36 -17.98 -13.63
C ASP B 252 -10.53 -18.50 -14.80
N GLY B 253 -9.20 -18.38 -14.68
CA GLY B 253 -8.29 -18.96 -15.66
C GLY B 253 -7.85 -18.05 -16.80
N TYR B 254 -7.96 -16.75 -16.61
CA TYR B 254 -7.48 -15.84 -17.65
C TYR B 254 -6.76 -14.66 -16.99
N GLU B 255 -6.30 -13.72 -17.81
CA GLU B 255 -5.70 -12.50 -17.28
C GLU B 255 -6.25 -11.26 -17.96
N LEU B 256 -6.66 -10.27 -17.16
CA LEU B 256 -6.86 -8.94 -17.67
C LEU B 256 -5.54 -8.24 -17.56
N PRO B 257 -4.91 -7.89 -18.70
CA PRO B 257 -3.57 -7.30 -18.63
C PRO B 257 -3.58 -6.00 -17.85
N GLU B 258 -2.48 -5.73 -17.15
CA GLU B 258 -2.31 -4.53 -16.34
C GLU B 258 -2.62 -3.24 -17.13
N ALA B 259 -2.31 -3.24 -18.43
CA ALA B 259 -2.56 -2.06 -19.26
C ALA B 259 -4.04 -1.70 -19.29
N LEU B 260 -4.90 -2.71 -19.17
CA LEU B 260 -6.33 -2.49 -19.18
C LEU B 260 -6.81 -2.21 -17.75
N TYR B 261 -6.36 -3.01 -16.81
CA TYR B 261 -6.70 -2.85 -15.42
C TYR B 261 -6.36 -1.46 -14.96
N ALA B 262 -5.23 -0.95 -15.35
CA ALA B 262 -4.76 0.32 -14.79
C ALA B 262 -5.46 1.55 -15.38
N ARG B 263 -6.23 1.36 -16.45
CA ARG B 263 -6.97 2.48 -17.03
C ARG B 263 -7.93 3.07 -15.98
N PRO B 264 -7.97 4.42 -15.89
CA PRO B 264 -8.84 5.13 -14.95
C PRO B 264 -10.28 4.63 -14.93
N GLU B 265 -10.85 4.37 -16.10
CA GLU B 265 -12.25 3.97 -16.14
C GLU B 265 -12.42 2.56 -15.61
N ILE B 266 -11.39 1.71 -15.76
CA ILE B 266 -11.45 0.37 -15.20
C ILE B 266 -11.18 0.38 -13.68
N GLN B 267 -10.25 1.21 -13.25
CA GLN B 267 -10.04 1.46 -11.83
C GLN B 267 -11.31 1.95 -11.14
N ARG B 268 -12.09 2.75 -11.86
CA ARG B 268 -13.32 3.30 -11.30
C ARG B 268 -14.39 2.23 -11.06
N VAL B 269 -14.70 1.43 -12.08
CA VAL B 269 -15.75 0.43 -11.93
C VAL B 269 -15.35 -0.67 -10.94
N THR B 270 -14.05 -0.98 -10.86
CA THR B 270 -13.59 -1.94 -9.87
C THR B 270 -13.82 -1.37 -8.46
N ALA B 271 -13.51 -0.09 -8.29
CA ALA B 271 -13.70 0.56 -7.00
C ALA B 271 -15.18 0.56 -6.60
N LEU B 272 -16.06 0.85 -7.57
CA LEU B 272 -17.49 0.93 -7.35
C LEU B 272 -18.03 -0.42 -6.86
N ALA B 273 -17.61 -1.49 -7.51
CA ALA B 273 -18.04 -2.83 -7.10
C ALA B 273 -17.59 -3.14 -5.68
N CYS B 274 -16.30 -2.90 -5.43
CA CYS B 274 -15.68 -3.16 -4.13
C CYS B 274 -16.34 -2.36 -3.02
N ASN B 275 -16.58 -1.09 -3.32
CA ASN B 275 -17.16 -0.21 -2.33
C ASN B 275 -18.59 -0.66 -2.01
N ALA B 276 -19.36 -1.04 -3.03
CA ALA B 276 -20.73 -1.48 -2.80
C ALA B 276 -20.79 -2.74 -1.96
N THR B 277 -20.02 -3.77 -2.34
CA THR B 277 -20.10 -5.06 -1.65
C THR B 277 -19.49 -4.98 -0.24
N THR B 278 -18.59 -4.02 -0.02
CA THR B 278 -18.05 -3.78 1.31
C THR B 278 -19.13 -3.14 2.21
N ILE B 279 -19.95 -2.27 1.62
CA ILE B 279 -21.06 -1.66 2.33
C ILE B 279 -22.12 -2.71 2.70
N VAL B 280 -22.24 -3.73 1.87
CA VAL B 280 -23.10 -4.87 2.18
C VAL B 280 -22.65 -5.46 3.51
N ASN B 281 -21.35 -5.52 3.76
CA ASN B 281 -20.90 -6.03 5.06
C ASN B 281 -21.43 -5.15 6.20
N ASP B 282 -21.27 -3.83 6.07
CA ASP B 282 -21.82 -2.90 7.07
C ASP B 282 -23.30 -3.18 7.34
N LEU B 283 -24.08 -3.37 6.28
CA LEU B 283 -25.54 -3.47 6.43
C LEU B 283 -25.96 -4.76 7.12
N TYR B 284 -25.26 -5.85 6.85
CA TYR B 284 -25.63 -7.11 7.47
C TYR B 284 -25.02 -7.30 8.87
N SER B 285 -23.95 -6.56 9.16
CA SER B 285 -23.27 -6.60 10.46
C SER B 285 -23.80 -5.58 11.46
N PHE B 286 -24.59 -4.64 10.97
CA PHE B 286 -25.11 -3.54 11.78
C PHE B 286 -25.67 -3.96 13.15
N THR B 287 -26.60 -4.91 13.14
CA THR B 287 -27.28 -5.32 14.36
C THR B 287 -26.34 -5.98 15.38
N ARG B 288 -25.53 -6.93 14.94
CA ARG B 288 -24.61 -7.61 15.83
C ARG B 288 -23.56 -6.65 16.41
N GLU B 289 -23.09 -5.71 15.61
CA GLU B 289 -22.07 -4.76 16.06
C GLU B 289 -22.67 -3.67 16.97
N LEU B 290 -23.95 -3.37 16.78
CA LEU B 290 -24.61 -2.37 17.62
C LEU B 290 -24.60 -2.82 19.08
N ALA B 291 -24.77 -4.13 19.29
CA ALA B 291 -24.80 -4.70 20.62
C ALA B 291 -23.40 -4.99 21.15
N SER B 292 -22.53 -5.55 20.31
CA SER B 292 -21.22 -6.02 20.76
C SER B 292 -20.21 -4.88 20.97
N ASP B 293 -20.05 -4.00 19.99
CA ASP B 293 -19.24 -2.80 20.21
C ASP B 293 -19.84 -1.60 19.47
N PRO B 294 -20.67 -0.84 20.20
CA PRO B 294 -21.34 0.35 19.65
C PRO B 294 -20.39 1.46 19.20
N ASP B 295 -19.09 1.33 19.46
CA ASP B 295 -18.14 2.35 18.99
C ASP B 295 -17.54 1.98 17.64
N HIS B 296 -17.91 0.82 17.12
CA HIS B 296 -17.39 0.43 15.82
C HIS B 296 -18.15 1.14 14.71
N LEU B 297 -17.40 1.80 13.83
CA LEU B 297 -17.99 2.51 12.69
C LEU B 297 -18.48 1.56 11.60
N ASN B 298 -19.74 1.71 11.23
CA ASN B 298 -20.24 1.17 9.97
C ASN B 298 -21.06 2.27 9.32
N LEU B 299 -21.49 2.09 8.08
CA LEU B 299 -22.18 3.17 7.38
C LEU B 299 -23.45 3.67 8.12
N PRO B 300 -24.31 2.76 8.60
CA PRO B 300 -25.48 3.33 9.31
C PRO B 300 -25.13 4.15 10.56
N GLN B 301 -24.15 3.71 11.34
CA GLN B 301 -23.79 4.45 12.56
C GLN B 301 -23.32 5.85 12.18
N VAL B 302 -22.50 5.91 11.13
CA VAL B 302 -21.86 7.14 10.72
C VAL B 302 -22.88 8.12 10.12
N VAL B 303 -23.77 7.59 9.30
CA VAL B 303 -24.88 8.38 8.78
C VAL B 303 -25.69 8.96 9.95
N ALA B 304 -26.04 8.11 10.91
CA ALA B 304 -26.82 8.54 12.07
C ALA B 304 -26.09 9.60 12.90
N ALA B 305 -24.77 9.44 13.05
CA ALA B 305 -23.99 10.36 13.90
C ALA B 305 -23.88 11.72 13.24
N ASN B 306 -23.78 11.73 11.91
CA ASN B 306 -23.75 13.00 11.18
C ASN B 306 -25.15 13.61 10.99
N ASP B 307 -26.12 12.79 10.58
CA ASP B 307 -27.46 13.29 10.27
C ASP B 307 -28.29 13.61 11.51
N GLN B 308 -28.14 12.79 12.56
CA GLN B 308 -28.92 12.97 13.79
C GLN B 308 -30.42 12.88 13.52
N ARG B 309 -30.84 11.81 12.85
CA ARG B 309 -32.26 11.61 12.56
C ARG B 309 -32.67 10.20 12.93
N GLY B 310 -31.84 9.54 13.74
CA GLY B 310 -32.17 8.23 14.25
C GLY B 310 -31.49 7.14 13.44
N LEU B 311 -31.43 5.94 14.00
CA LEU B 311 -30.75 4.83 13.35
C LEU B 311 -31.54 4.27 12.18
N LYS B 312 -32.86 4.23 12.32
CA LYS B 312 -33.72 3.68 11.27
C LYS B 312 -33.59 4.49 9.99
N ALA B 313 -33.65 5.80 10.13
CA ALA B 313 -33.51 6.69 8.98
C ALA B 313 -32.11 6.56 8.39
N ALA B 314 -31.12 6.36 9.26
CA ALA B 314 -29.73 6.25 8.83
C ALA B 314 -29.50 4.96 8.10
N TYR B 315 -30.12 3.89 8.60
CA TYR B 315 -30.02 2.61 7.95
C TYR B 315 -30.65 2.64 6.55
N LEU B 316 -31.88 3.13 6.46
CA LEU B 316 -32.59 3.18 5.18
C LEU B 316 -31.80 4.01 4.17
N LYS B 317 -31.21 5.09 4.66
CA LYS B 317 -30.41 5.97 3.82
C LYS B 317 -29.17 5.24 3.35
N SER B 318 -28.60 4.42 4.24
CA SER B 318 -27.42 3.64 3.94
C SER B 318 -27.66 2.62 2.83
N VAL B 319 -28.88 2.10 2.77
CA VAL B 319 -29.30 1.22 1.68
C VAL B 319 -29.38 1.98 0.35
N GLU B 320 -29.88 3.20 0.40
CA GLU B 320 -29.97 4.04 -0.80
C GLU B 320 -28.60 4.42 -1.31
N ILE B 321 -27.67 4.66 -0.40
CA ILE B 321 -26.30 4.99 -0.79
C ILE B 321 -25.69 3.78 -1.48
N HIS B 322 -25.86 2.60 -0.87
CA HIS B 322 -25.41 1.38 -1.51
C HIS B 322 -25.96 1.27 -2.94
N ASN B 323 -27.28 1.40 -3.06
CA ASN B 323 -27.94 1.23 -4.36
C ASN B 323 -27.46 2.21 -5.42
N GLN B 324 -27.13 3.41 -4.99
CA GLN B 324 -26.62 4.42 -5.91
C GLN B 324 -25.23 4.03 -6.45
N ILE B 325 -24.40 3.47 -5.58
CA ILE B 325 -23.06 3.04 -5.93
C ILE B 325 -23.14 1.86 -6.89
N MET B 326 -24.02 0.91 -6.58
CA MET B 326 -24.30 -0.23 -7.45
C MET B 326 -24.78 0.23 -8.83
N GLU B 327 -25.67 1.23 -8.83
CA GLU B 327 -26.22 1.75 -10.08
C GLU B 327 -25.10 2.27 -10.97
N ALA B 328 -24.16 3.01 -10.39
CA ALA B 328 -23.05 3.55 -11.20
C ALA B 328 -22.11 2.43 -11.66
N PHE B 329 -21.85 1.46 -10.80
CA PHE B 329 -21.12 0.26 -11.19
C PHE B 329 -21.75 -0.42 -12.43
N GLU B 330 -23.05 -0.68 -12.37
CA GLU B 330 -23.72 -1.42 -13.44
C GLU B 330 -23.87 -0.61 -14.72
N THR B 331 -24.15 0.68 -14.57
CA THR B 331 -24.34 1.50 -15.76
C THR B 331 -22.98 1.63 -16.45
N GLU B 332 -21.94 1.96 -15.71
CA GLU B 332 -20.62 2.13 -16.32
C GLU B 332 -20.03 0.80 -16.81
N SER B 333 -20.30 -0.29 -16.10
CA SER B 333 -19.89 -1.61 -16.57
C SER B 333 -20.48 -1.96 -17.92
N ALA B 334 -21.79 -1.73 -18.07
CA ALA B 334 -22.49 -2.03 -19.31
C ALA B 334 -21.82 -1.32 -20.49
N LEU B 335 -21.52 -0.05 -20.31
CA LEU B 335 -20.88 0.73 -21.36
C LEU B 335 -19.49 0.19 -21.67
N LEU B 336 -18.73 -0.11 -20.63
CA LEU B 336 -17.38 -0.62 -20.85
C LEU B 336 -17.41 -2.03 -21.47
N ALA B 337 -18.39 -2.84 -21.05
CA ALA B 337 -18.52 -4.20 -21.58
C ALA B 337 -18.69 -4.24 -23.09
N ALA B 338 -19.43 -3.28 -23.65
CA ALA B 338 -19.64 -3.27 -25.09
C ALA B 338 -18.37 -2.98 -25.90
N THR B 339 -17.33 -2.49 -25.23
CA THR B 339 -16.12 -2.05 -25.94
C THR B 339 -15.12 -3.19 -26.15
N SER B 340 -15.28 -4.27 -25.40
CA SER B 340 -14.28 -5.32 -25.36
C SER B 340 -14.82 -6.58 -24.68
N PRO B 341 -14.71 -7.73 -25.36
CA PRO B 341 -15.14 -9.02 -24.81
C PRO B 341 -14.33 -9.44 -23.59
N LEU B 342 -13.05 -9.08 -23.55
CA LEU B 342 -12.22 -9.40 -22.38
C LEU B 342 -12.62 -8.54 -21.20
N ILE B 343 -12.73 -7.23 -21.42
CA ILE B 343 -13.16 -6.33 -20.36
C ILE B 343 -14.53 -6.77 -19.87
N GLU B 344 -15.41 -7.08 -20.80
CA GLU B 344 -16.73 -7.60 -20.47
C GLU B 344 -16.62 -8.76 -19.49
N ARG B 345 -15.68 -9.67 -19.75
CA ARG B 345 -15.60 -10.89 -18.98
C ARG B 345 -15.17 -10.57 -17.55
N TYR B 346 -14.19 -9.68 -17.41
CA TYR B 346 -13.74 -9.18 -16.13
C TYR B 346 -14.87 -8.52 -15.35
N LEU B 347 -15.71 -7.73 -16.01
CA LEU B 347 -16.77 -7.02 -15.31
C LEU B 347 -17.83 -7.99 -14.83
N GLN B 348 -18.06 -9.06 -15.59
CA GLN B 348 -18.96 -10.11 -15.16
C GLN B 348 -18.39 -10.83 -13.93
N GLY B 349 -17.09 -11.10 -13.94
CA GLY B 349 -16.42 -11.69 -12.79
C GLY B 349 -16.59 -10.81 -11.57
N LEU B 350 -16.40 -9.51 -11.73
CA LEU B 350 -16.64 -8.56 -10.64
C LEU B 350 -18.09 -8.59 -10.15
N ALA B 351 -19.02 -8.55 -11.09
CA ALA B 351 -20.44 -8.57 -10.78
C ALA B 351 -20.82 -9.86 -10.06
N ASP B 352 -20.25 -10.96 -10.51
CA ASP B 352 -20.58 -12.25 -9.93
C ASP B 352 -20.03 -12.36 -8.51
N TRP B 353 -18.86 -11.76 -8.28
CA TRP B 353 -18.27 -11.76 -6.93
C TRP B 353 -19.22 -11.02 -5.98
N VAL B 354 -19.60 -9.81 -6.39
CA VAL B 354 -20.50 -8.95 -5.64
C VAL B 354 -21.81 -9.67 -5.31
N SER B 355 -22.37 -10.32 -6.32
CA SER B 355 -23.61 -11.06 -6.19
C SER B 355 -23.46 -12.23 -5.21
N GLY B 356 -22.39 -13.00 -5.38
CA GLY B 356 -22.17 -14.18 -4.56
C GLY B 356 -21.92 -13.77 -3.10
N ASN B 357 -21.18 -12.68 -2.94
CA ASN B 357 -20.88 -12.15 -1.60
C ASN B 357 -22.16 -11.76 -0.88
N HIS B 358 -23.06 -11.10 -1.61
CA HIS B 358 -24.34 -10.71 -1.02
C HIS B 358 -25.17 -11.90 -0.60
N GLU B 359 -25.24 -12.91 -1.47
CA GLU B 359 -25.95 -14.14 -1.15
C GLU B 359 -25.37 -14.79 0.09
N TRP B 360 -24.05 -14.83 0.19
CA TRP B 360 -23.38 -15.45 1.35
C TRP B 360 -23.79 -14.73 2.65
N HIS B 361 -23.82 -13.40 2.60
CA HIS B 361 -24.24 -12.59 3.75
C HIS B 361 -25.70 -12.83 4.12
N ALA B 362 -26.56 -12.81 3.11
CA ALA B 362 -27.99 -12.85 3.28
C ALA B 362 -28.47 -14.20 3.79
N THR B 363 -27.68 -15.23 3.56
CA THR B 363 -28.05 -16.57 3.98
C THR B 363 -27.26 -17.09 5.19
N ASN B 364 -26.26 -16.31 5.63
CA ASN B 364 -25.49 -16.69 6.80
C ASN B 364 -26.17 -16.16 8.04
N THR B 365 -27.34 -16.69 8.34
CA THR B 365 -28.20 -16.12 9.37
C THR B 365 -27.62 -16.30 10.77
N ASP B 366 -26.65 -17.21 10.89
CA ASP B 366 -25.97 -17.42 12.15
C ASP B 366 -25.18 -16.19 12.58
N ARG B 367 -24.46 -15.57 11.64
CA ARG B 367 -23.60 -14.44 11.97
C ARG B 367 -24.24 -13.08 11.67
N TYR B 368 -25.21 -13.06 10.76
CA TYR B 368 -25.81 -11.80 10.36
C TYR B 368 -27.32 -11.80 10.59
N GLN B 369 -27.77 -10.84 11.39
CA GLN B 369 -29.18 -10.59 11.62
C GLN B 369 -29.51 -9.21 11.08
N LEU B 370 -30.78 -8.98 10.74
CA LEU B 370 -31.23 -7.70 10.22
C LEU B 370 -32.00 -6.95 11.28
N PRO B 371 -32.01 -5.61 11.19
CA PRO B 371 -32.79 -4.81 12.15
C PRO B 371 -34.27 -4.79 11.82
N ASN B 372 -35.11 -4.36 12.74
CA ASN B 372 -36.55 -4.32 12.49
C ASN B 372 -36.99 -2.97 11.93
N TYR B 373 -36.55 -2.66 10.72
CA TYR B 373 -36.77 -1.34 10.14
C TYR B 373 -37.80 -1.33 8.99
N TRP B 374 -38.49 -2.46 8.76
CA TRP B 374 -39.48 -2.54 7.67
C TRP B 374 -40.74 -3.30 8.08
#